data_5UNL
#
_entry.id   5UNL
#
_cell.length_a   64.380
_cell.length_b   132.090
_cell.length_c   64.530
_cell.angle_alpha   90.000
_cell.angle_beta   108.680
_cell.angle_gamma   90.000
#
_symmetry.space_group_name_H-M   'P 1 21 1'
#
loop_
_entity.id
_entity.type
_entity.pdbx_description
1 polymer '3-ketoacyl-ACP reductase'
2 non-polymer 1,2-ETHANEDIOL
3 non-polymer 'NITRATE ION'
4 water water
#
_entity_poly.entity_id   1
_entity_poly.type   'polypeptide(L)'
_entity_poly.pdbx_seq_one_letter_code
;MAHHHHHHMTASDLLKPYDGLRVLVTGGASGIGLAIADAFAECGARVHVCDASQAAIAALADRPSRAAIGATLADVSDRA
AVERVFADVAATLGGLDVLVNNAGIAGPTGGIDEIDPAQWEQTVAINLNAQFEFARRAVPLLRESKHGGAIIALSSVAGR
LGYAYRTPYAATKWAVVGLVKSLAIELGPLGIRVNAIQPGIVRGPRIRRVIEARAQQLGIGYDEMEQRYLERISLRRMTE
PAEIAATALFLCSPGGHGITGQAISVCGNVEVL
;
_entity_poly.pdbx_strand_id   A,B,C,D
#
loop_
_chem_comp.id
_chem_comp.type
_chem_comp.name
_chem_comp.formula
EDO non-polymer 1,2-ETHANEDIOL 'C2 H6 O2'
NO3 non-polymer 'NITRATE ION' 'N O3 -1'
#
# COMPACT_ATOMS: atom_id res chain seq x y z
N THR A 10 -2.67 25.90 22.04
CA THR A 10 -3.52 25.15 22.97
C THR A 10 -4.22 23.98 22.28
N ALA A 11 -4.44 22.91 23.04
CA ALA A 11 -5.01 21.68 22.47
C ALA A 11 -6.39 21.94 21.88
N SER A 12 -7.19 22.78 22.52
CA SER A 12 -8.53 23.08 22.01
C SER A 12 -8.46 23.83 20.67
N ASP A 13 -7.54 24.79 20.55
CA ASP A 13 -7.42 25.51 19.27
C ASP A 13 -6.88 24.59 18.18
N LEU A 14 -6.03 23.63 18.54
CA LEU A 14 -5.45 22.74 17.53
C LEU A 14 -6.52 22.00 16.76
N LEU A 15 -7.62 21.63 17.43
CA LEU A 15 -8.66 20.81 16.85
C LEU A 15 -9.84 21.62 16.32
N LYS A 16 -9.78 22.94 16.38
CA LYS A 16 -10.90 23.71 15.86
C LYS A 16 -10.64 24.11 14.41
N PRO A 17 -11.56 23.84 13.49
CA PRO A 17 -11.38 24.33 12.12
C PRO A 17 -11.22 25.84 12.11
N TYR A 18 -10.41 26.32 11.17
CA TYR A 18 -10.26 27.76 11.00
C TYR A 18 -11.62 28.41 10.84
N ASP A 19 -11.78 29.59 11.42
CA ASP A 19 -13.06 30.29 11.33
C ASP A 19 -13.22 30.92 9.95
N GLY A 20 -14.46 30.99 9.49
CA GLY A 20 -14.78 31.73 8.28
C GLY A 20 -14.39 31.04 6.99
N LEU A 21 -14.20 29.72 7.00
CA LEU A 21 -13.77 29.05 5.79
C LEU A 21 -14.88 29.12 4.74
N ARG A 22 -14.47 29.32 3.49
CA ARG A 22 -15.40 29.28 2.37
C ARG A 22 -15.32 27.86 1.80
N VAL A 23 -16.44 27.13 1.89
CA VAL A 23 -16.45 25.69 1.66
C VAL A 23 -17.50 25.35 0.61
N LEU A 24 -17.10 24.55 -0.37
CA LEU A 24 -18.01 23.99 -1.37
C LEU A 24 -18.04 22.47 -1.19
N VAL A 25 -19.22 21.91 -0.97
CA VAL A 25 -19.40 20.46 -0.82
C VAL A 25 -20.26 19.97 -1.99
N THR A 26 -19.68 19.13 -2.86
CA THR A 26 -20.45 18.60 -3.98
C THR A 26 -21.30 17.42 -3.52
N GLY A 27 -22.47 17.28 -4.12
CA GLY A 27 -23.45 16.34 -3.59
C GLY A 27 -23.74 16.55 -2.13
N GLY A 28 -23.83 17.82 -1.72
CA GLY A 28 -23.86 18.19 -0.32
C GLY A 28 -25.21 18.38 0.33
N ALA A 29 -26.31 18.04 -0.34
CA ALA A 29 -27.61 18.23 0.30
C ALA A 29 -28.16 16.97 0.93
N SER A 30 -27.42 15.86 0.87
CA SER A 30 -27.90 14.65 1.52
C SER A 30 -26.71 13.79 1.92
N GLY A 31 -26.99 12.84 2.80
CA GLY A 31 -26.02 11.81 3.16
C GLY A 31 -24.77 12.39 3.79
N ILE A 32 -23.64 11.79 3.42
CA ILE A 32 -22.34 12.20 3.96
C ILE A 32 -22.04 13.66 3.61
N GLY A 33 -22.34 14.07 2.37
CA GLY A 33 -22.05 15.44 1.98
C GLY A 33 -22.76 16.46 2.86
N LEU A 34 -24.00 16.18 3.22
CA LEU A 34 -24.75 17.08 4.09
C LEU A 34 -24.17 17.08 5.49
N ALA A 35 -23.73 15.93 5.98
CA ALA A 35 -23.12 15.90 7.30
C ALA A 35 -21.87 16.77 7.31
N ILE A 36 -21.09 16.72 6.23
CA ILE A 36 -19.90 17.54 6.12
C ILE A 36 -20.28 19.02 6.04
N ALA A 37 -21.21 19.36 5.14
CA ALA A 37 -21.65 20.74 5.00
C ALA A 37 -22.15 21.30 6.33
N ASP A 38 -23.06 20.57 7.00
CA ASP A 38 -23.62 21.03 8.27
C ASP A 38 -22.54 21.17 9.34
N ALA A 39 -21.56 20.26 9.36
CA ALA A 39 -20.49 20.34 10.34
C ALA A 39 -19.67 21.60 10.14
N PHE A 40 -19.26 21.88 8.90
CA PHE A 40 -18.54 23.12 8.62
C PHE A 40 -19.38 24.34 9.00
N ALA A 41 -20.68 24.30 8.69
CA ALA A 41 -21.54 25.46 9.00
C ALA A 41 -21.64 25.70 10.50
N GLU A 42 -21.50 24.65 11.31
CA GLU A 42 -21.48 24.80 12.76
C GLU A 42 -20.20 25.44 13.27
N CYS A 43 -19.15 25.46 12.45
CA CYS A 43 -17.85 25.97 12.85
C CYS A 43 -17.52 27.29 12.17
N GLY A 44 -18.53 28.10 11.90
CA GLY A 44 -18.36 29.43 11.33
C GLY A 44 -18.00 29.47 9.86
N ALA A 45 -18.15 28.38 9.14
CA ALA A 45 -17.84 28.39 7.71
C ALA A 45 -19.00 28.96 6.92
N ARG A 46 -18.67 29.54 5.77
CA ARG A 46 -19.66 29.96 4.79
CA ARG A 46 -19.66 29.96 4.79
C ARG A 46 -19.75 28.84 3.75
N VAL A 47 -20.83 28.07 3.80
CA VAL A 47 -20.91 26.80 3.10
C VAL A 47 -21.87 26.91 1.92
N HIS A 48 -21.42 26.40 0.77
CA HIS A 48 -22.25 26.22 -0.40
C HIS A 48 -22.20 24.75 -0.77
N VAL A 49 -23.33 24.21 -1.23
CA VAL A 49 -23.35 22.84 -1.74
C VAL A 49 -23.94 22.85 -3.13
N CYS A 50 -23.64 21.80 -3.89
CA CYS A 50 -24.44 21.49 -5.05
C CYS A 50 -25.04 20.11 -4.86
N ASP A 51 -26.13 19.86 -5.55
CA ASP A 51 -26.80 18.58 -5.39
C ASP A 51 -27.69 18.37 -6.61
N ALA A 52 -27.93 17.10 -6.93
CA ALA A 52 -28.78 16.77 -8.06
C ALA A 52 -30.26 16.76 -7.69
N SER A 53 -30.61 16.73 -6.41
CA SER A 53 -32.00 16.56 -5.97
C SER A 53 -32.57 17.91 -5.56
N GLN A 54 -33.58 18.37 -6.32
CA GLN A 54 -34.29 19.60 -5.94
C GLN A 54 -34.94 19.45 -4.57
N ALA A 55 -35.49 18.27 -4.28
CA ALA A 55 -36.17 18.07 -3.00
C ALA A 55 -35.20 18.12 -1.84
N ALA A 56 -34.01 17.53 -2.01
CA ALA A 56 -32.99 17.62 -0.96
C ALA A 56 -32.59 19.07 -0.72
N ILE A 57 -32.43 19.84 -1.79
CA ILE A 57 -32.04 21.24 -1.65
C ILE A 57 -33.11 22.01 -0.91
N ALA A 58 -34.39 21.76 -1.24
CA ALA A 58 -35.47 22.47 -0.59
C ALA A 58 -35.58 22.10 0.89
N ALA A 59 -35.13 20.89 1.24
CA ALA A 59 -35.20 20.44 2.63
C ALA A 59 -34.14 21.09 3.52
N LEU A 60 -33.18 21.82 2.93
CA LEU A 60 -32.16 22.47 3.74
C LEU A 60 -32.73 23.61 4.56
N ALA A 61 -33.67 24.35 4.00
CA ALA A 61 -34.04 25.64 4.55
C ALA A 61 -34.78 25.50 5.88
N ASP A 62 -34.49 26.42 6.79
CA ASP A 62 -35.33 26.65 7.98
C ASP A 62 -35.40 25.41 8.88
N ARG A 63 -34.28 24.70 8.97
CA ARG A 63 -34.15 23.64 9.97
C ARG A 63 -33.71 24.25 11.29
N PRO A 64 -34.34 23.90 12.40
CA PRO A 64 -33.98 24.52 13.69
C PRO A 64 -32.52 24.29 14.03
N SER A 65 -31.87 25.33 14.53
CA SER A 65 -30.47 25.31 14.95
C SER A 65 -29.53 24.97 13.81
N ARG A 66 -29.93 25.21 12.56
CA ARG A 66 -29.08 24.94 11.41
C ARG A 66 -28.78 26.24 10.67
N ALA A 67 -27.51 26.63 10.65
CA ALA A 67 -27.08 27.79 9.88
C ALA A 67 -27.38 27.61 8.41
N ALA A 68 -27.66 28.73 7.73
CA ALA A 68 -28.06 28.66 6.33
C ALA A 68 -26.91 28.17 5.47
N ILE A 69 -27.25 27.37 4.45
CA ILE A 69 -26.29 26.82 3.50
C ILE A 69 -26.79 27.10 2.09
N GLY A 70 -25.92 27.68 1.26
CA GLY A 70 -26.31 27.95 -0.11
C GLY A 70 -26.27 26.68 -0.94
N ALA A 71 -27.11 26.65 -1.98
CA ALA A 71 -27.21 25.45 -2.80
C ALA A 71 -27.41 25.79 -4.26
N THR A 72 -26.77 24.99 -5.12
CA THR A 72 -26.96 25.01 -6.56
C THR A 72 -27.46 23.64 -6.99
N LEU A 73 -28.52 23.61 -7.81
CA LEU A 73 -28.97 22.36 -8.40
C LEU A 73 -28.02 22.00 -9.54
N ALA A 74 -27.38 20.83 -9.44
CA ALA A 74 -26.42 20.43 -10.44
C ALA A 74 -26.16 18.93 -10.38
N ASP A 75 -26.14 18.32 -11.56
CA ASP A 75 -25.61 16.98 -11.75
CA ASP A 75 -25.61 16.98 -11.75
C ASP A 75 -24.13 17.14 -12.15
N VAL A 76 -23.23 16.60 -11.33
CA VAL A 76 -21.80 16.89 -11.51
C VAL A 76 -21.23 16.35 -12.82
N SER A 77 -21.96 15.48 -13.51
CA SER A 77 -21.52 15.04 -14.83
C SER A 77 -21.90 16.03 -15.92
N ASP A 78 -22.59 17.11 -15.57
CA ASP A 78 -23.08 18.12 -16.51
C ASP A 78 -22.17 19.33 -16.38
N ARG A 79 -21.28 19.52 -17.35
CA ARG A 79 -20.28 20.58 -17.22
C ARG A 79 -20.92 21.96 -17.12
N ALA A 80 -22.04 22.17 -17.82
CA ALA A 80 -22.71 23.47 -17.76
C ALA A 80 -23.22 23.75 -16.35
N ALA A 81 -23.71 22.72 -15.66
CA ALA A 81 -24.20 22.91 -14.30
C ALA A 81 -23.05 23.11 -13.32
N VAL A 82 -21.92 22.41 -13.54
CA VAL A 82 -20.74 22.65 -12.72
C VAL A 82 -20.30 24.10 -12.84
N GLU A 83 -20.35 24.65 -14.05
CA GLU A 83 -19.96 26.05 -14.22
C GLU A 83 -20.87 26.97 -13.43
N ARG A 84 -22.17 26.66 -13.40
CA ARG A 84 -23.09 27.47 -12.62
C ARG A 84 -22.82 27.34 -11.12
N VAL A 85 -22.39 26.17 -10.66
CA VAL A 85 -22.02 26.02 -9.26
C VAL A 85 -20.97 27.05 -8.88
N PHE A 86 -19.89 27.12 -9.68
CA PHE A 86 -18.83 28.05 -9.35
C PHE A 86 -19.27 29.49 -9.52
N ALA A 87 -20.19 29.78 -10.44
CA ALA A 87 -20.73 31.14 -10.52
C ALA A 87 -21.52 31.49 -9.26
N ASP A 88 -22.32 30.54 -8.75
CA ASP A 88 -23.08 30.80 -7.53
C ASP A 88 -22.16 30.96 -6.33
N VAL A 89 -21.07 30.19 -6.29
CA VAL A 89 -20.10 30.33 -5.22
C VAL A 89 -19.41 31.69 -5.29
N ALA A 90 -18.98 32.08 -6.50
CA ALA A 90 -18.28 33.35 -6.64
C ALA A 90 -19.17 34.52 -6.23
N ALA A 91 -20.48 34.41 -6.52
CA ALA A 91 -21.39 35.51 -6.25
C ALA A 91 -21.81 35.60 -4.79
N THR A 92 -21.53 34.58 -3.98
CA THR A 92 -21.94 34.54 -2.59
C THR A 92 -20.75 34.44 -1.64
N LEU A 93 -19.89 33.44 -1.81
CA LEU A 93 -18.72 33.29 -0.94
C LEU A 93 -17.57 34.21 -1.34
N GLY A 94 -17.42 34.50 -2.64
CA GLY A 94 -16.40 35.42 -3.08
C GLY A 94 -15.02 34.84 -3.15
N GLY A 95 -14.90 33.53 -3.21
CA GLY A 95 -13.64 32.84 -3.15
C GLY A 95 -13.90 31.43 -2.63
N LEU A 96 -12.82 30.71 -2.34
CA LEU A 96 -12.97 29.34 -1.87
C LEU A 96 -11.76 28.94 -1.04
N ASP A 97 -12.00 28.33 0.12
CA ASP A 97 -10.94 27.80 0.96
C ASP A 97 -10.87 26.29 0.95
N VAL A 98 -12.01 25.61 0.79
CA VAL A 98 -12.09 24.16 0.86
C VAL A 98 -13.01 23.67 -0.26
N LEU A 99 -12.52 22.74 -1.06
CA LEU A 99 -13.36 21.98 -1.99
C LEU A 99 -13.51 20.57 -1.41
N VAL A 100 -14.76 20.17 -1.12
CA VAL A 100 -15.06 18.81 -0.69
C VAL A 100 -15.64 18.10 -1.89
N ASN A 101 -14.82 17.26 -2.55
CA ASN A 101 -15.21 16.49 -3.74
C ASN A 101 -15.91 15.23 -3.24
N ASN A 102 -17.16 15.41 -2.82
CA ASN A 102 -17.93 14.36 -2.15
C ASN A 102 -18.84 13.60 -3.10
N ALA A 103 -19.37 14.24 -4.15
CA ALA A 103 -20.34 13.63 -5.02
C ALA A 103 -19.86 12.29 -5.55
N GLY A 104 -20.77 11.33 -5.63
CA GLY A 104 -20.44 10.03 -6.17
C GLY A 104 -21.67 9.14 -6.19
N ILE A 105 -21.59 8.09 -7.01
CA ILE A 105 -22.66 7.11 -7.06
C ILE A 105 -22.07 5.71 -6.82
N ALA A 106 -22.95 4.79 -6.44
CA ALA A 106 -22.53 3.41 -6.24
C ALA A 106 -22.16 2.73 -7.55
N GLY A 107 -22.85 3.08 -8.64
CA GLY A 107 -22.67 2.36 -9.87
C GLY A 107 -23.40 1.03 -9.81
N PRO A 108 -23.25 0.22 -10.84
CA PRO A 108 -24.02 -1.02 -10.94
C PRO A 108 -23.41 -2.14 -10.10
N THR A 109 -24.26 -3.09 -9.73
CA THR A 109 -23.83 -4.33 -9.11
C THR A 109 -23.94 -5.45 -10.13
N GLY A 110 -22.83 -6.13 -10.38
CA GLY A 110 -22.86 -7.27 -11.28
C GLY A 110 -21.46 -7.62 -11.76
N GLY A 111 -21.37 -8.83 -12.31
CA GLY A 111 -20.11 -9.24 -12.93
C GLY A 111 -19.71 -8.30 -14.05
N ILE A 112 -18.40 -8.20 -14.29
CA ILE A 112 -17.91 -7.24 -15.28
C ILE A 112 -18.53 -7.52 -16.65
N ASP A 113 -18.89 -8.77 -16.92
CA ASP A 113 -19.51 -9.13 -18.20
C ASP A 113 -21.03 -8.96 -18.19
N GLU A 114 -21.62 -8.55 -17.07
CA GLU A 114 -23.06 -8.40 -16.95
C GLU A 114 -23.51 -6.95 -16.95
N ILE A 115 -22.68 -6.03 -16.43
CA ILE A 115 -23.16 -4.68 -16.15
C ILE A 115 -23.31 -3.89 -17.44
N ASP A 116 -24.26 -2.97 -17.42
CA ASP A 116 -24.52 -2.09 -18.56
C ASP A 116 -23.31 -1.19 -18.79
N PRO A 117 -22.75 -1.15 -20.00
CA PRO A 117 -21.63 -0.23 -20.26
C PRO A 117 -21.95 1.21 -19.96
N ALA A 118 -23.20 1.65 -20.20
CA ALA A 118 -23.54 3.04 -19.90
C ALA A 118 -23.48 3.31 -18.40
N GLN A 119 -23.67 2.29 -17.57
CA GLN A 119 -23.56 2.49 -16.13
C GLN A 119 -22.11 2.48 -15.68
N TRP A 120 -21.24 1.68 -16.32
CA TRP A 120 -19.82 1.84 -16.11
C TRP A 120 -19.40 3.27 -16.41
N GLU A 121 -19.80 3.77 -17.57
CA GLU A 121 -19.38 5.09 -18.02
C GLU A 121 -19.87 6.19 -17.09
N GLN A 122 -21.11 6.08 -16.61
CA GLN A 122 -21.65 7.10 -15.72
C GLN A 122 -20.95 7.07 -14.36
N THR A 123 -20.61 5.87 -13.87
CA THR A 123 -19.83 5.78 -12.64
C THR A 123 -18.50 6.52 -12.79
N VAL A 124 -17.82 6.33 -13.93
CA VAL A 124 -16.56 7.03 -14.14
C VAL A 124 -16.77 8.53 -14.29
N ALA A 125 -17.81 8.94 -15.01
CA ALA A 125 -18.06 10.35 -15.21
C ALA A 125 -18.32 11.09 -13.89
N ILE A 126 -19.08 10.47 -13.00
CA ILE A 126 -19.43 11.14 -11.75
C ILE A 126 -18.32 10.98 -10.71
N ASN A 127 -17.84 9.75 -10.53
CA ASN A 127 -16.91 9.48 -9.43
C ASN A 127 -15.49 9.95 -9.71
N LEU A 128 -15.06 9.96 -10.98
CA LEU A 128 -13.71 10.36 -11.35
C LEU A 128 -13.67 11.66 -12.15
N ASN A 129 -14.38 11.73 -13.28
CA ASN A 129 -14.23 12.90 -14.13
C ASN A 129 -14.72 14.17 -13.46
N ALA A 130 -15.81 14.09 -12.68
CA ALA A 130 -16.29 15.28 -11.98
C ALA A 130 -15.28 15.78 -10.95
N GLN A 131 -14.46 14.88 -10.39
CA GLN A 131 -13.45 15.34 -9.45
C GLN A 131 -12.48 16.28 -10.13
N PHE A 132 -12.06 15.93 -11.35
CA PHE A 132 -11.24 16.80 -12.15
C PHE A 132 -11.97 18.08 -12.51
N GLU A 133 -13.24 17.98 -12.89
CA GLU A 133 -13.99 19.18 -13.27
C GLU A 133 -14.05 20.19 -12.14
N PHE A 134 -14.26 19.73 -10.89
CA PHE A 134 -14.30 20.66 -9.76
C PHE A 134 -12.90 21.11 -9.36
N ALA A 135 -11.93 20.20 -9.35
CA ALA A 135 -10.57 20.56 -8.95
C ALA A 135 -9.99 21.61 -9.89
N ARG A 136 -10.17 21.45 -11.21
CA ARG A 136 -9.55 22.40 -12.13
CA ARG A 136 -9.57 22.39 -12.14
C ARG A 136 -10.13 23.79 -11.97
N ARG A 137 -11.41 23.90 -11.61
CA ARG A 137 -12.03 25.20 -11.41
C ARG A 137 -11.71 25.76 -10.04
N ALA A 138 -11.44 24.89 -9.07
CA ALA A 138 -11.22 25.35 -7.69
C ALA A 138 -9.80 25.78 -7.44
N VAL A 139 -8.83 25.15 -8.09
CA VAL A 139 -7.41 25.43 -7.86
C VAL A 139 -7.06 26.90 -8.00
N PRO A 140 -7.55 27.64 -9.01
CA PRO A 140 -7.23 29.07 -9.08
C PRO A 140 -7.75 29.86 -7.89
N LEU A 141 -8.85 29.39 -7.28
CA LEU A 141 -9.38 30.06 -6.09
C LEU A 141 -8.61 29.63 -4.85
N LEU A 142 -8.41 28.32 -4.69
CA LEU A 142 -7.74 27.80 -3.51
C LEU A 142 -6.33 28.32 -3.34
N ARG A 143 -5.63 28.59 -4.45
CA ARG A 143 -4.28 29.10 -4.29
C ARG A 143 -4.25 30.51 -3.71
N GLU A 144 -5.40 31.18 -3.61
CA GLU A 144 -5.49 32.49 -2.98
C GLU A 144 -6.02 32.42 -1.55
N SER A 145 -6.25 31.23 -1.02
CA SER A 145 -6.80 31.09 0.31
C SER A 145 -5.77 31.55 1.35
N LYS A 146 -6.22 32.36 2.31
CA LYS A 146 -5.35 32.84 3.38
C LYS A 146 -4.73 31.68 4.15
N HIS A 147 -5.44 30.55 4.24
CA HIS A 147 -4.95 29.41 5.00
C HIS A 147 -4.16 28.41 4.16
N GLY A 148 -4.08 28.60 2.85
CA GLY A 148 -3.39 27.66 1.98
C GLY A 148 -4.29 26.97 0.98
N GLY A 149 -5.49 26.60 1.43
CA GLY A 149 -6.45 25.92 0.59
C GLY A 149 -6.44 24.43 0.81
N ALA A 150 -7.59 23.79 0.59
CA ALA A 150 -7.73 22.36 0.84
C ALA A 150 -8.68 21.75 -0.17
N ILE A 151 -8.29 20.58 -0.70
CA ILE A 151 -9.16 19.68 -1.44
C ILE A 151 -9.33 18.44 -0.59
N ILE A 152 -10.57 18.06 -0.31
CA ILE A 152 -10.88 16.85 0.42
C ILE A 152 -11.71 15.99 -0.51
N ALA A 153 -11.12 14.90 -1.01
CA ALA A 153 -11.81 13.99 -1.94
C ALA A 153 -12.39 12.83 -1.16
N LEU A 154 -13.58 12.41 -1.57
CA LEU A 154 -14.22 11.24 -0.98
C LEU A 154 -13.89 10.04 -1.86
N SER A 155 -13.05 9.15 -1.35
CA SER A 155 -12.83 7.83 -1.93
C SER A 155 -13.75 6.86 -1.21
N SER A 156 -13.24 5.70 -0.82
CA SER A 156 -14.03 4.64 -0.18
C SER A 156 -13.03 3.60 0.28
N VAL A 157 -13.46 2.71 1.16
CA VAL A 157 -12.63 1.55 1.42
C VAL A 157 -12.45 0.73 0.15
N ALA A 158 -13.35 0.89 -0.83
CA ALA A 158 -13.17 0.22 -2.12
C ALA A 158 -12.08 0.88 -2.95
N GLY A 159 -11.46 1.93 -2.45
CA GLY A 159 -10.28 2.52 -3.05
C GLY A 159 -8.96 2.03 -2.50
N ARG A 160 -9.00 1.15 -1.52
CA ARG A 160 -7.82 0.49 -0.98
C ARG A 160 -7.98 -1.03 -0.92
N LEU A 161 -9.11 -1.56 -1.41
CA LEU A 161 -9.41 -2.98 -1.45
C LEU A 161 -10.03 -3.31 -2.80
N GLY A 162 -9.95 -4.57 -3.20
CA GLY A 162 -10.72 -5.03 -4.35
C GLY A 162 -12.18 -5.22 -3.97
N TYR A 163 -13.06 -5.08 -4.97
CA TYR A 163 -14.51 -5.16 -4.73
C TYR A 163 -15.15 -5.91 -5.89
N ALA A 164 -15.27 -7.23 -5.75
CA ALA A 164 -15.94 -8.03 -6.77
C ALA A 164 -17.38 -7.55 -6.97
N TYR A 165 -17.84 -7.63 -8.22
CA TYR A 165 -19.18 -7.22 -8.65
C TYR A 165 -19.40 -5.72 -8.52
N ARG A 166 -18.34 -4.93 -8.28
CA ARG A 166 -18.44 -3.48 -8.14
C ARG A 166 -17.24 -2.83 -8.84
N THR A 167 -16.84 -3.41 -9.97
CA THR A 167 -15.58 -2.97 -10.58
C THR A 167 -15.55 -1.50 -10.99
N PRO A 168 -16.60 -0.91 -11.59
CA PRO A 168 -16.48 0.54 -11.88
C PRO A 168 -16.35 1.37 -10.62
N TYR A 169 -17.05 0.99 -9.56
CA TYR A 169 -16.92 1.72 -8.30
C TYR A 169 -15.50 1.60 -7.76
N ALA A 170 -14.95 0.39 -7.70
CA ALA A 170 -13.60 0.26 -7.17
C ALA A 170 -12.59 0.97 -8.04
N ALA A 171 -12.70 0.85 -9.37
CA ALA A 171 -11.76 1.54 -10.25
C ALA A 171 -11.75 3.04 -9.98
N THR A 172 -12.94 3.63 -9.81
CA THR A 172 -12.96 5.07 -9.61
C THR A 172 -12.45 5.46 -8.23
N LYS A 173 -12.72 4.65 -7.20
CA LYS A 173 -12.28 5.03 -5.86
C LYS A 173 -10.77 4.86 -5.71
N TRP A 174 -10.16 3.89 -6.42
CA TRP A 174 -8.71 3.83 -6.53
C TRP A 174 -8.17 5.02 -7.31
N ALA A 175 -8.86 5.39 -8.40
CA ALA A 175 -8.42 6.53 -9.19
C ALA A 175 -8.36 7.79 -8.33
N VAL A 176 -9.34 7.98 -7.44
CA VAL A 176 -9.35 9.17 -6.60
C VAL A 176 -8.10 9.23 -5.74
N VAL A 177 -7.63 8.08 -5.23
CA VAL A 177 -6.40 8.08 -4.43
C VAL A 177 -5.21 8.53 -5.27
N GLY A 178 -5.09 8.00 -6.49
CA GLY A 178 -3.99 8.41 -7.34
C GLY A 178 -4.07 9.88 -7.69
N LEU A 179 -5.29 10.39 -7.93
CA LEU A 179 -5.47 11.80 -8.19
C LEU A 179 -5.01 12.63 -6.99
N VAL A 180 -5.43 12.24 -5.79
CA VAL A 180 -5.02 12.94 -4.57
C VAL A 180 -3.50 12.94 -4.43
N LYS A 181 -2.87 11.77 -4.57
CA LYS A 181 -1.43 11.73 -4.35
C LYS A 181 -0.67 12.55 -5.40
N SER A 182 -1.19 12.62 -6.62
CA SER A 182 -0.55 13.45 -7.63
C SER A 182 -0.76 14.93 -7.35
N LEU A 183 -1.98 15.31 -7.00
CA LEU A 183 -2.28 16.72 -6.73
C LEU A 183 -1.57 17.21 -5.48
N ALA A 184 -1.38 16.35 -4.47
CA ALA A 184 -0.67 16.78 -3.28
C ALA A 184 0.74 17.24 -3.62
N ILE A 185 1.43 16.46 -4.47
CA ILE A 185 2.76 16.84 -4.94
C ILE A 185 2.68 18.12 -5.76
N GLU A 186 1.74 18.16 -6.70
CA GLU A 186 1.62 19.28 -7.64
C GLU A 186 1.29 20.58 -6.93
N LEU A 187 0.34 20.55 -5.99
CA LEU A 187 -0.18 21.76 -5.38
C LEU A 187 0.47 22.09 -4.04
N GLY A 188 1.23 21.16 -3.47
CA GLY A 188 1.86 21.36 -2.18
C GLY A 188 2.65 22.64 -2.07
N PRO A 189 3.55 22.89 -3.01
CA PRO A 189 4.34 24.14 -2.96
C PRO A 189 3.48 25.40 -3.04
N LEU A 190 2.27 25.32 -3.56
CA LEU A 190 1.34 26.44 -3.55
C LEU A 190 0.62 26.60 -2.22
N GLY A 191 0.67 25.58 -1.35
CA GLY A 191 0.05 25.63 -0.06
C GLY A 191 -1.25 24.87 0.04
N ILE A 192 -1.71 24.28 -1.05
CA ILE A 192 -2.99 23.57 -1.07
C ILE A 192 -2.75 22.15 -0.57
N ARG A 193 -3.51 21.76 0.45
CA ARG A 193 -3.47 20.41 0.97
C ARG A 193 -4.48 19.58 0.20
N VAL A 194 -4.14 18.32 -0.08
CA VAL A 194 -5.00 17.45 -0.86
C VAL A 194 -5.02 16.08 -0.19
N ASN A 195 -6.20 15.62 0.22
CA ASN A 195 -6.32 14.33 0.88
C ASN A 195 -7.59 13.63 0.43
N ALA A 196 -7.63 12.31 0.62
CA ALA A 196 -8.82 11.51 0.45
C ALA A 196 -9.33 11.00 1.79
N ILE A 197 -10.62 11.05 2.00
CA ILE A 197 -11.24 10.30 3.08
C ILE A 197 -11.85 9.06 2.47
N GLN A 198 -11.61 7.90 3.09
CA GLN A 198 -12.19 6.64 2.62
C GLN A 198 -13.24 6.16 3.60
N PRO A 199 -14.51 6.46 3.38
CA PRO A 199 -15.54 5.97 4.29
C PRO A 199 -15.67 4.46 4.16
N GLY A 200 -16.08 3.83 5.26
CA GLY A 200 -16.32 2.40 5.28
C GLY A 200 -17.76 2.07 4.92
N ILE A 201 -18.39 1.23 5.75
CA ILE A 201 -19.79 0.85 5.60
C ILE A 201 -20.60 1.89 6.40
N VAL A 202 -21.16 2.87 5.69
CA VAL A 202 -21.69 4.07 6.34
C VAL A 202 -23.20 3.93 6.50
N ARG A 203 -23.67 4.04 7.74
CA ARG A 203 -25.10 3.90 8.03
C ARG A 203 -25.90 4.96 7.26
N GLY A 204 -26.87 4.50 6.48
CA GLY A 204 -27.65 5.41 5.67
C GLY A 204 -28.46 4.64 4.66
N PRO A 205 -29.39 5.31 3.98
CA PRO A 205 -30.17 4.63 2.95
C PRO A 205 -29.34 4.13 1.79
N ARG A 206 -28.22 4.80 1.47
CA ARG A 206 -27.41 4.36 0.33
CA ARG A 206 -27.41 4.36 0.33
CA ARG A 206 -27.43 4.36 0.32
C ARG A 206 -26.83 2.97 0.56
N ILE A 207 -26.24 2.75 1.74
CA ILE A 207 -25.65 1.44 2.01
C ILE A 207 -26.73 0.35 2.04
N ARG A 208 -27.94 0.68 2.50
CA ARG A 208 -28.99 -0.35 2.51
C ARG A 208 -29.35 -0.75 1.08
N ARG A 209 -29.37 0.21 0.17
CA ARG A 209 -29.60 -0.13 -1.23
CA ARG A 209 -29.57 -0.09 -1.26
C ARG A 209 -28.46 -0.99 -1.78
N VAL A 210 -27.21 -0.70 -1.40
CA VAL A 210 -26.07 -1.51 -1.81
C VAL A 210 -26.21 -2.93 -1.28
N ILE A 211 -26.57 -3.07 -0.01
CA ILE A 211 -26.66 -4.40 0.58
C ILE A 211 -27.76 -5.20 -0.10
N GLU A 212 -28.91 -4.57 -0.33
CA GLU A 212 -30.02 -5.21 -1.05
C GLU A 212 -29.57 -5.67 -2.43
N ALA A 213 -28.83 -4.82 -3.14
CA ALA A 213 -28.37 -5.17 -4.49
C ALA A 213 -27.37 -6.32 -4.46
N ARG A 214 -26.46 -6.31 -3.48
CA ARG A 214 -25.48 -7.39 -3.40
C ARG A 214 -26.14 -8.68 -2.94
N ALA A 215 -27.09 -8.59 -2.02
CA ALA A 215 -27.83 -9.79 -1.64
C ALA A 215 -28.49 -10.42 -2.86
N GLN A 216 -29.06 -9.58 -3.74
CA GLN A 216 -29.69 -10.09 -4.94
C GLN A 216 -28.66 -10.72 -5.89
N GLN A 217 -27.47 -10.10 -5.98
CA GLN A 217 -26.42 -10.63 -6.83
C GLN A 217 -25.97 -12.01 -6.35
N LEU A 218 -25.84 -12.19 -5.04
CA LEU A 218 -25.36 -13.44 -4.47
C LEU A 218 -26.46 -14.44 -4.19
N GLY A 219 -27.72 -14.09 -4.39
CA GLY A 219 -28.79 -15.03 -4.12
C GLY A 219 -29.01 -15.34 -2.65
N ILE A 220 -28.76 -14.38 -1.78
CA ILE A 220 -28.99 -14.51 -0.35
C ILE A 220 -29.95 -13.41 0.10
N GLY A 221 -30.41 -13.53 1.35
CA GLY A 221 -31.30 -12.53 1.90
C GLY A 221 -30.55 -11.32 2.38
N TYR A 222 -31.32 -10.25 2.65
CA TYR A 222 -30.74 -8.99 3.09
C TYR A 222 -29.97 -9.16 4.38
N ASP A 223 -30.58 -9.82 5.37
CA ASP A 223 -29.99 -9.89 6.70
C ASP A 223 -28.71 -10.70 6.71
N GLU A 224 -28.65 -11.75 5.90
CA GLU A 224 -27.39 -12.47 5.78
C GLU A 224 -26.33 -11.59 5.12
N MET A 225 -26.69 -10.86 4.06
CA MET A 225 -25.74 -9.96 3.42
C MET A 225 -25.26 -8.89 4.40
N GLU A 226 -26.19 -8.27 5.12
CA GLU A 226 -25.79 -7.26 6.10
C GLU A 226 -24.84 -7.86 7.13
N GLN A 227 -25.10 -9.09 7.57
CA GLN A 227 -24.25 -9.69 8.59
C GLN A 227 -22.85 -9.96 8.05
N ARG A 228 -22.72 -10.29 6.77
N ARG A 228 -22.71 -10.29 6.77
CA ARG A 228 -21.40 -10.51 6.20
CA ARG A 228 -21.38 -10.51 6.20
C ARG A 228 -20.58 -9.22 6.22
C ARG A 228 -20.57 -9.22 6.20
N TYR A 229 -21.23 -8.08 5.93
CA TYR A 229 -20.53 -6.80 6.00
C TYR A 229 -20.09 -6.49 7.43
N LEU A 230 -21.00 -6.68 8.41
CA LEU A 230 -20.69 -6.30 9.78
C LEU A 230 -19.60 -7.18 10.37
N GLU A 231 -19.57 -8.46 10.01
CA GLU A 231 -18.54 -9.35 10.55
C GLU A 231 -17.15 -8.98 10.05
N ARG A 232 -17.07 -8.23 8.96
CA ARG A 232 -15.80 -7.84 8.36
C ARG A 232 -15.45 -6.39 8.67
N ILE A 233 -16.05 -5.84 9.72
CA ILE A 233 -15.64 -4.57 10.32
C ILE A 233 -15.02 -4.92 11.66
N SER A 234 -13.77 -4.56 11.90
CA SER A 234 -13.13 -4.94 13.16
C SER A 234 -13.93 -4.44 14.35
N LEU A 235 -14.48 -3.22 14.26
CA LEU A 235 -15.29 -2.72 15.36
C LEU A 235 -16.71 -3.27 15.34
N ARG A 236 -17.09 -4.02 14.31
CA ARG A 236 -18.39 -4.71 14.24
C ARG A 236 -19.58 -3.74 14.27
N ARG A 237 -19.38 -2.54 13.74
CA ARG A 237 -20.47 -1.59 13.63
C ARG A 237 -20.21 -0.67 12.44
N MET A 238 -21.28 -0.22 11.81
CA MET A 238 -21.14 0.69 10.68
C MET A 238 -20.61 2.04 11.12
N THR A 239 -19.94 2.70 10.18
CA THR A 239 -19.49 4.07 10.39
C THR A 239 -20.65 5.05 10.30
N GLU A 240 -20.63 6.07 11.19
CA GLU A 240 -21.60 7.15 11.16
C GLU A 240 -21.14 8.26 10.22
N PRO A 241 -22.06 8.85 9.44
CA PRO A 241 -21.67 10.02 8.63
C PRO A 241 -20.97 11.12 9.42
N ALA A 242 -21.31 11.31 10.69
CA ALA A 242 -20.65 12.36 11.47
C ALA A 242 -19.14 12.10 11.61
N GLU A 243 -18.72 10.83 11.57
CA GLU A 243 -17.28 10.54 11.62
C GLU A 243 -16.56 11.06 10.39
N ILE A 244 -17.20 10.95 9.23
CA ILE A 244 -16.60 11.49 8.01
C ILE A 244 -16.52 13.00 8.10
N ALA A 245 -17.59 13.64 8.58
CA ALA A 245 -17.59 15.10 8.75
C ALA A 245 -16.50 15.53 9.71
N ALA A 246 -16.36 14.81 10.83
CA ALA A 246 -15.36 15.18 11.83
C ALA A 246 -13.95 15.07 11.24
N THR A 247 -13.71 14.05 10.42
CA THR A 247 -12.41 13.93 9.81
C THR A 247 -12.16 15.09 8.85
N ALA A 248 -13.18 15.51 8.10
CA ALA A 248 -12.99 16.64 7.20
C ALA A 248 -12.68 17.92 7.99
N LEU A 249 -13.41 18.14 9.09
CA LEU A 249 -13.14 19.29 9.95
C LEU A 249 -11.72 19.26 10.49
N PHE A 250 -11.24 18.07 10.90
CA PHE A 250 -9.88 17.96 11.43
C PHE A 250 -8.84 18.35 10.39
N LEU A 251 -9.05 17.98 9.13
CA LEU A 251 -8.09 18.33 8.10
C LEU A 251 -8.05 19.82 7.86
N CYS A 252 -9.08 20.56 8.26
CA CYS A 252 -9.14 22.00 8.13
C CYS A 252 -8.90 22.73 9.46
N SER A 253 -8.25 22.07 10.41
CA SER A 253 -7.84 22.66 11.68
C SER A 253 -6.32 22.90 11.68
N PRO A 254 -5.83 23.71 12.61
CA PRO A 254 -4.36 23.86 12.73
C PRO A 254 -3.66 22.55 12.97
N GLY A 255 -4.23 21.68 13.81
CA GLY A 255 -3.58 20.43 14.15
C GLY A 255 -3.47 19.47 12.98
N GLY A 256 -4.43 19.52 12.06
CA GLY A 256 -4.44 18.69 10.88
C GLY A 256 -3.96 19.37 9.62
N HIS A 257 -3.54 20.63 9.73
CA HIS A 257 -3.18 21.46 8.57
C HIS A 257 -1.97 20.92 7.82
N GLY A 258 -1.15 20.09 8.45
CA GLY A 258 0.06 19.60 7.85
C GLY A 258 -0.04 18.23 7.24
N ILE A 259 -1.26 17.70 7.10
CA ILE A 259 -1.52 16.42 6.48
C ILE A 259 -1.85 16.66 5.02
N THR A 260 -1.13 16.00 4.10
CA THR A 260 -1.49 16.11 2.70
C THR A 260 -0.94 14.89 1.97
N GLY A 261 -1.60 14.54 0.86
CA GLY A 261 -1.21 13.40 0.07
C GLY A 261 -1.66 12.07 0.64
N GLN A 262 -2.55 12.07 1.62
CA GLN A 262 -2.92 10.88 2.36
C GLN A 262 -4.36 10.47 2.04
N ALA A 263 -4.60 9.17 2.18
CA ALA A 263 -5.94 8.62 2.20
C ALA A 263 -6.19 8.12 3.62
N ILE A 264 -7.21 8.67 4.26
CA ILE A 264 -7.54 8.33 5.64
C ILE A 264 -8.82 7.51 5.64
N SER A 265 -8.72 6.26 6.07
CA SER A 265 -9.84 5.33 6.04
C SER A 265 -10.61 5.44 7.37
N VAL A 266 -11.89 5.73 7.28
CA VAL A 266 -12.74 5.98 8.45
C VAL A 266 -13.83 4.93 8.36
N CYS A 267 -13.60 3.78 9.00
CA CYS A 267 -14.27 2.57 8.54
C CYS A 267 -14.40 1.50 9.61
N GLY A 268 -13.86 1.76 10.80
CA GLY A 268 -13.85 0.72 11.82
C GLY A 268 -12.99 -0.48 11.46
N ASN A 269 -12.06 -0.27 10.52
CA ASN A 269 -11.28 -1.29 9.83
C ASN A 269 -12.14 -2.29 9.08
N VAL A 270 -12.66 -1.88 7.93
CA VAL A 270 -13.13 -2.86 6.95
C VAL A 270 -11.96 -3.76 6.57
N GLU A 271 -12.09 -5.05 6.88
CA GLU A 271 -10.99 -5.98 6.75
C GLU A 271 -10.85 -6.51 5.33
N VAL A 272 -11.96 -6.54 4.59
CA VAL A 272 -12.04 -7.12 3.26
C VAL A 272 -13.40 -6.73 2.70
N LEU A 273 -13.49 -6.65 1.38
CA LEU A 273 -14.76 -6.54 0.66
C LEU A 273 -14.97 -7.73 -0.25
N SER B 12 12.79 -25.73 -15.33
CA SER B 12 12.22 -26.90 -15.99
C SER B 12 10.97 -26.51 -16.78
N ASP B 13 9.91 -27.29 -16.63
CA ASP B 13 8.62 -26.88 -17.16
C ASP B 13 8.12 -25.61 -16.49
N LEU B 14 8.55 -25.36 -15.24
CA LEU B 14 8.00 -24.28 -14.40
C LEU B 14 8.00 -22.94 -15.11
N LEU B 15 9.05 -22.65 -15.86
CA LEU B 15 9.22 -21.32 -16.42
C LEU B 15 8.83 -21.25 -17.89
N LYS B 16 8.43 -22.35 -18.49
CA LYS B 16 7.99 -22.33 -19.88
C LYS B 16 6.52 -21.94 -19.94
N PRO B 17 6.16 -20.84 -20.60
CA PRO B 17 4.74 -20.54 -20.80
C PRO B 17 4.01 -21.71 -21.47
N TYR B 18 2.73 -21.87 -21.11
CA TYR B 18 1.93 -22.93 -21.70
C TYR B 18 1.95 -22.84 -23.22
N ASP B 19 2.19 -23.96 -23.89
CA ASP B 19 2.24 -23.94 -25.34
C ASP B 19 0.85 -23.68 -25.92
N GLY B 20 0.82 -23.01 -27.07
CA GLY B 20 -0.40 -22.87 -27.84
C GLY B 20 -1.43 -21.90 -27.31
N LEU B 21 -1.03 -20.97 -26.45
CA LEU B 21 -1.99 -20.02 -25.87
C LEU B 21 -2.55 -19.10 -26.94
N ARG B 22 -3.85 -18.81 -26.82
CA ARG B 22 -4.51 -17.85 -27.69
C ARG B 22 -4.49 -16.50 -27.00
N VAL B 23 -3.74 -15.55 -27.56
CA VAL B 23 -3.43 -14.30 -26.86
C VAL B 23 -3.90 -13.12 -27.70
N LEU B 24 -4.55 -12.16 -27.04
CA LEU B 24 -4.90 -10.89 -27.66
C LEU B 24 -4.17 -9.78 -26.91
N VAL B 25 -3.40 -8.96 -27.63
CA VAL B 25 -2.69 -7.81 -27.04
C VAL B 25 -3.29 -6.53 -27.61
N THR B 26 -3.83 -5.68 -26.75
CA THR B 26 -4.36 -4.41 -27.23
C THR B 26 -3.23 -3.40 -27.40
N GLY B 27 -3.34 -2.55 -28.42
CA GLY B 27 -2.22 -1.68 -28.78
C GLY B 27 -0.93 -2.43 -29.05
N GLY B 28 -1.04 -3.56 -29.73
CA GLY B 28 0.02 -4.55 -29.77
C GLY B 28 0.93 -4.52 -30.98
N ALA B 29 0.87 -3.47 -31.80
CA ALA B 29 1.72 -3.42 -32.98
C ALA B 29 2.92 -2.50 -32.83
N SER B 30 3.13 -1.91 -31.65
CA SER B 30 4.32 -1.10 -31.41
C SER B 30 4.64 -1.12 -29.92
N GLY B 31 5.89 -0.77 -29.61
CA GLY B 31 6.28 -0.53 -28.23
C GLY B 31 6.17 -1.76 -27.35
N ILE B 32 5.74 -1.53 -26.10
CA ILE B 32 5.64 -2.62 -25.12
C ILE B 32 4.68 -3.70 -25.61
N GLY B 33 3.58 -3.28 -26.25
CA GLY B 33 2.58 -4.25 -26.67
C GLY B 33 3.13 -5.21 -27.71
N LEU B 34 3.88 -4.68 -28.68
CA LEU B 34 4.54 -5.53 -29.68
C LEU B 34 5.60 -6.41 -29.02
N ALA B 35 6.35 -5.88 -28.06
CA ALA B 35 7.30 -6.71 -27.31
C ALA B 35 6.61 -7.92 -26.72
N ILE B 36 5.47 -7.70 -26.07
CA ILE B 36 4.72 -8.80 -25.47
C ILE B 36 4.18 -9.73 -26.55
N ALA B 37 3.60 -9.15 -27.59
CA ALA B 37 2.99 -9.97 -28.65
C ALA B 37 4.02 -10.89 -29.29
N ASP B 38 5.18 -10.35 -29.65
CA ASP B 38 6.23 -11.16 -30.25
C ASP B 38 6.76 -12.23 -29.29
N ALA B 39 6.92 -11.87 -28.02
CA ALA B 39 7.40 -12.84 -27.03
C ALA B 39 6.47 -14.04 -26.94
N PHE B 40 5.15 -13.79 -26.86
CA PHE B 40 4.20 -14.91 -26.85
C PHE B 40 4.31 -15.72 -28.14
N ALA B 41 4.45 -15.05 -29.28
CA ALA B 41 4.51 -15.79 -30.54
C ALA B 41 5.75 -16.66 -30.63
N GLU B 42 6.85 -16.25 -29.98
CA GLU B 42 8.05 -17.08 -29.91
C GLU B 42 7.86 -18.32 -29.08
N CYS B 43 6.87 -18.32 -28.17
CA CYS B 43 6.61 -19.44 -27.28
C CYS B 43 5.43 -20.28 -27.74
N GLY B 44 5.19 -20.32 -29.06
CA GLY B 44 4.14 -21.17 -29.61
C GLY B 44 2.73 -20.66 -29.46
N ALA B 45 2.54 -19.40 -29.05
CA ALA B 45 1.21 -18.85 -28.93
C ALA B 45 0.64 -18.45 -30.28
N ARG B 46 -0.69 -18.52 -30.38
CA ARG B 46 -1.43 -17.92 -31.48
CA ARG B 46 -1.43 -17.92 -31.48
C ARG B 46 -1.84 -16.53 -31.04
N VAL B 47 -1.19 -15.51 -31.59
CA VAL B 47 -1.32 -14.15 -31.08
C VAL B 47 -2.10 -13.29 -32.06
N HIS B 48 -2.95 -12.42 -31.52
CA HIS B 48 -3.65 -11.41 -32.29
C HIS B 48 -3.51 -10.09 -31.56
N VAL B 49 -3.37 -9.00 -32.32
CA VAL B 49 -3.24 -7.68 -31.73
C VAL B 49 -4.26 -6.75 -32.36
N CYS B 50 -4.57 -5.67 -31.66
CA CYS B 50 -5.20 -4.53 -32.29
C CYS B 50 -4.27 -3.34 -32.10
N ASP B 51 -4.42 -2.35 -32.99
CA ASP B 51 -3.58 -1.16 -32.95
C ASP B 51 -4.27 -0.06 -33.73
N ALA B 52 -4.01 1.18 -33.32
CA ALA B 52 -4.63 2.34 -33.96
C ALA B 52 -3.86 2.81 -35.19
N SER B 53 -2.64 2.34 -35.39
CA SER B 53 -1.81 2.76 -36.52
CA SER B 53 -1.80 2.76 -36.51
C SER B 53 -1.79 1.67 -37.57
N GLN B 54 -2.34 1.97 -38.74
CA GLN B 54 -2.25 1.03 -39.85
C GLN B 54 -0.81 0.86 -40.31
N ALA B 55 0.02 1.90 -40.17
CA ALA B 55 1.42 1.76 -40.54
C ALA B 55 2.13 0.75 -39.65
N ALA B 56 1.88 0.79 -38.35
CA ALA B 56 2.45 -0.21 -37.45
C ALA B 56 1.95 -1.60 -37.80
N ILE B 57 0.66 -1.72 -38.13
CA ILE B 57 0.10 -3.02 -38.51
C ILE B 57 0.77 -3.54 -39.79
N ALA B 58 0.98 -2.66 -40.78
CA ALA B 58 1.61 -3.10 -42.02
C ALA B 58 3.04 -3.58 -41.79
N ALA B 59 3.71 -3.03 -40.78
CA ALA B 59 5.08 -3.42 -40.48
C ALA B 59 5.19 -4.80 -39.85
N LEU B 60 4.08 -5.34 -39.32
CA LEU B 60 4.12 -6.65 -38.69
C LEU B 60 4.54 -7.76 -39.65
N ALA B 61 4.09 -7.68 -40.91
CA ALA B 61 4.24 -8.78 -41.85
C ALA B 61 5.64 -8.81 -42.48
N ASP B 62 6.06 -10.01 -42.89
CA ASP B 62 7.32 -10.23 -43.58
C ASP B 62 8.50 -9.75 -42.73
N ARG B 63 8.46 -10.07 -41.44
CA ARG B 63 9.60 -9.80 -40.58
C ARG B 63 10.39 -11.08 -40.44
N PRO B 64 11.62 -11.14 -40.97
CA PRO B 64 12.31 -12.44 -41.17
C PRO B 64 12.32 -13.39 -39.99
N SER B 65 12.58 -12.92 -38.77
CA SER B 65 12.72 -13.81 -37.63
C SER B 65 11.43 -13.99 -36.84
N ARG B 66 10.27 -13.68 -37.43
CA ARG B 66 9.07 -13.41 -36.65
C ARG B 66 7.90 -14.26 -37.14
N ALA B 67 7.33 -15.04 -36.21
CA ALA B 67 6.09 -15.75 -36.51
C ALA B 67 4.96 -14.77 -36.79
N ALA B 68 4.02 -15.21 -37.62
CA ALA B 68 2.91 -14.36 -38.03
C ALA B 68 2.03 -14.01 -36.83
N ILE B 69 1.61 -12.75 -36.80
CA ILE B 69 0.71 -12.25 -35.77
C ILE B 69 -0.50 -11.66 -36.47
N GLY B 70 -1.70 -12.06 -36.02
CA GLY B 70 -2.91 -11.46 -36.54
C GLY B 70 -3.15 -10.07 -35.98
N ALA B 71 -3.88 -9.26 -36.74
CA ALA B 71 -4.02 -7.86 -36.36
C ALA B 71 -5.34 -7.29 -36.84
N THR B 72 -5.90 -6.40 -36.01
CA THR B 72 -7.08 -5.61 -36.35
C THR B 72 -6.75 -4.13 -36.15
N LEU B 73 -7.09 -3.31 -37.13
CA LEU B 73 -7.02 -1.87 -36.96
C LEU B 73 -8.16 -1.41 -36.05
N ALA B 74 -7.83 -0.81 -34.91
CA ALA B 74 -8.85 -0.43 -33.92
C ALA B 74 -8.33 0.65 -33.00
N ASP B 75 -9.08 1.75 -32.91
CA ASP B 75 -8.95 2.69 -31.81
C ASP B 75 -9.76 2.14 -30.64
N VAL B 76 -9.11 1.91 -29.49
CA VAL B 76 -9.75 1.18 -28.40
C VAL B 76 -10.87 1.97 -27.73
N SER B 77 -10.98 3.28 -27.99
CA SER B 77 -12.11 4.05 -27.49
C SER B 77 -13.31 3.96 -28.41
N ASP B 78 -13.20 3.24 -29.53
CA ASP B 78 -14.26 3.09 -30.51
C ASP B 78 -14.90 1.72 -30.31
N ARG B 79 -16.15 1.71 -29.79
CA ARG B 79 -16.80 0.46 -29.46
C ARG B 79 -16.98 -0.44 -30.68
N ALA B 80 -17.40 0.13 -31.81
CA ALA B 80 -17.53 -0.67 -33.02
C ALA B 80 -16.21 -1.31 -33.40
N ALA B 81 -15.10 -0.59 -33.21
CA ALA B 81 -13.78 -1.14 -33.51
C ALA B 81 -13.43 -2.26 -32.55
N VAL B 82 -13.78 -2.13 -31.28
CA VAL B 82 -13.49 -3.17 -30.29
C VAL B 82 -14.24 -4.45 -30.65
N GLU B 83 -15.50 -4.31 -31.07
CA GLU B 83 -16.26 -5.49 -31.46
C GLU B 83 -15.66 -6.16 -32.68
N ARG B 84 -15.03 -5.38 -33.57
CA ARG B 84 -14.34 -5.96 -34.72
C ARG B 84 -13.12 -6.76 -34.31
N VAL B 85 -12.41 -6.32 -33.27
CA VAL B 85 -11.27 -7.07 -32.78
C VAL B 85 -11.71 -8.46 -32.32
N PHE B 86 -12.79 -8.52 -31.53
CA PHE B 86 -13.22 -9.81 -31.02
C PHE B 86 -13.80 -10.69 -32.12
N ALA B 87 -14.48 -10.08 -33.11
CA ALA B 87 -14.95 -10.86 -34.23
C ALA B 87 -13.77 -11.44 -35.02
N ASP B 88 -12.70 -10.66 -35.18
CA ASP B 88 -11.52 -11.16 -35.88
C ASP B 88 -10.85 -12.28 -35.10
N VAL B 89 -10.68 -12.09 -33.78
CA VAL B 89 -10.12 -13.13 -32.92
C VAL B 89 -10.96 -14.40 -32.98
N ALA B 90 -12.29 -14.26 -32.91
CA ALA B 90 -13.14 -15.46 -32.93
C ALA B 90 -13.03 -16.21 -34.25
N ALA B 91 -12.90 -15.48 -35.35
CA ALA B 91 -12.83 -16.12 -36.67
C ALA B 91 -11.53 -16.85 -36.88
N THR B 92 -10.48 -16.51 -36.12
CA THR B 92 -9.16 -17.08 -36.36
C THR B 92 -8.67 -17.88 -35.16
N LEU B 93 -8.55 -17.25 -34.00
CA LEU B 93 -8.09 -17.96 -32.81
C LEU B 93 -9.15 -18.94 -32.34
N GLY B 94 -10.43 -18.57 -32.43
CA GLY B 94 -11.50 -19.46 -32.02
C GLY B 94 -11.70 -19.55 -30.53
N GLY B 95 -11.08 -18.66 -29.78
CA GLY B 95 -11.14 -18.70 -28.33
C GLY B 95 -10.13 -17.71 -27.78
N LEU B 96 -9.99 -17.70 -26.46
CA LEU B 96 -8.99 -16.83 -25.85
C LEU B 96 -8.54 -17.40 -24.52
N ASP B 97 -7.22 -17.44 -24.32
CA ASP B 97 -6.63 -17.81 -23.04
C ASP B 97 -6.02 -16.64 -22.28
N VAL B 98 -5.57 -15.59 -22.99
CA VAL B 98 -4.92 -14.44 -22.36
C VAL B 98 -5.43 -13.16 -23.01
N LEU B 99 -5.94 -12.24 -22.19
CA LEU B 99 -6.16 -10.86 -22.59
C LEU B 99 -5.04 -10.01 -22.01
N VAL B 100 -4.27 -9.34 -22.86
CA VAL B 100 -3.26 -8.37 -22.43
C VAL B 100 -3.84 -6.98 -22.70
N ASN B 101 -4.32 -6.33 -21.63
CA ASN B 101 -4.91 -5.00 -21.68
C ASN B 101 -3.76 -4.01 -21.61
N ASN B 102 -3.13 -3.80 -22.76
CA ASN B 102 -1.89 -3.03 -22.83
C ASN B 102 -2.08 -1.61 -23.37
N ALA B 103 -3.08 -1.39 -24.24
CA ALA B 103 -3.25 -0.09 -24.87
C ALA B 103 -3.33 1.03 -23.85
N GLY B 104 -2.67 2.13 -24.14
CA GLY B 104 -2.71 3.27 -23.26
C GLY B 104 -2.05 4.46 -23.89
N ILE B 105 -2.40 5.64 -23.38
CA ILE B 105 -1.76 6.87 -23.83
C ILE B 105 -1.17 7.58 -22.61
N ALA B 106 -0.18 8.43 -22.88
CA ALA B 106 0.41 9.18 -21.77
C ALA B 106 -0.55 10.23 -21.23
N GLY B 107 -1.42 10.76 -22.07
CA GLY B 107 -2.24 11.88 -21.68
C GLY B 107 -1.46 13.17 -21.67
N PRO B 108 -2.10 14.25 -21.24
CA PRO B 108 -1.46 15.56 -21.27
C PRO B 108 -0.50 15.78 -20.11
N THR B 109 0.51 16.62 -20.37
CA THR B 109 1.40 17.11 -19.33
C THR B 109 1.02 18.55 -18.99
N GLY B 110 0.72 18.79 -17.72
CA GLY B 110 0.43 20.13 -17.27
C GLY B 110 -0.29 20.10 -15.94
N GLY B 111 -0.37 21.29 -15.33
CA GLY B 111 -1.11 21.41 -14.09
C GLY B 111 -2.58 21.11 -14.31
N ILE B 112 -3.26 20.68 -13.24
CA ILE B 112 -4.63 20.21 -13.41
C ILE B 112 -5.52 21.33 -13.94
N ASP B 113 -5.19 22.58 -13.63
CA ASP B 113 -5.97 23.72 -14.08
C ASP B 113 -5.57 24.18 -15.47
N GLU B 114 -4.49 23.63 -16.03
CA GLU B 114 -3.99 24.00 -17.36
C GLU B 114 -4.39 23.04 -18.45
N ILE B 115 -4.60 21.76 -18.13
CA ILE B 115 -4.73 20.77 -19.18
C ILE B 115 -6.09 20.90 -19.86
N ASP B 116 -6.13 20.49 -21.11
CA ASP B 116 -7.35 20.41 -21.91
C ASP B 116 -8.27 19.35 -21.34
N PRO B 117 -9.50 19.70 -20.92
CA PRO B 117 -10.43 18.67 -20.43
C PRO B 117 -10.67 17.55 -21.43
N ALA B 118 -10.63 17.85 -22.73
CA ALA B 118 -10.76 16.79 -23.74
C ALA B 118 -9.63 15.77 -23.63
N GLN B 119 -8.43 16.20 -23.24
CA GLN B 119 -7.32 15.27 -23.09
C GLN B 119 -7.40 14.49 -21.78
N TRP B 120 -7.95 15.10 -20.72
CA TRP B 120 -8.32 14.31 -19.55
C TRP B 120 -9.28 13.19 -19.94
N GLU B 121 -10.33 13.54 -20.68
CA GLU B 121 -11.36 12.56 -21.03
C GLU B 121 -10.78 11.48 -21.92
N GLN B 122 -9.93 11.86 -22.88
CA GLN B 122 -9.34 10.88 -23.77
C GLN B 122 -8.47 9.89 -23.00
N THR B 123 -7.72 10.40 -22.02
CA THR B 123 -6.88 9.52 -21.21
C THR B 123 -7.71 8.51 -20.44
N VAL B 124 -8.82 8.97 -19.86
CA VAL B 124 -9.69 8.05 -19.12
C VAL B 124 -10.34 7.05 -20.06
N ALA B 125 -10.79 7.52 -21.23
CA ALA B 125 -11.43 6.62 -22.19
C ALA B 125 -10.50 5.49 -22.60
N ILE B 126 -9.24 5.81 -22.87
CA ILE B 126 -8.33 4.82 -23.42
C ILE B 126 -7.70 3.98 -22.32
N ASN B 127 -7.25 4.61 -21.23
CA ASN B 127 -6.51 3.89 -20.21
C ASN B 127 -7.40 3.15 -19.23
N LEU B 128 -8.65 3.57 -19.07
CA LEU B 128 -9.54 2.95 -18.10
C LEU B 128 -10.74 2.31 -18.78
N ASN B 129 -11.58 3.07 -19.47
CA ASN B 129 -12.83 2.50 -19.98
C ASN B 129 -12.55 1.38 -20.98
N ALA B 130 -11.50 1.51 -21.78
CA ALA B 130 -11.18 0.44 -22.72
C ALA B 130 -10.80 -0.85 -22.00
N GLN B 131 -10.12 -0.76 -20.85
CA GLN B 131 -9.88 -1.97 -20.07
C GLN B 131 -11.17 -2.72 -19.79
N PHE B 132 -12.22 -1.99 -19.38
CA PHE B 132 -13.52 -2.62 -19.16
C PHE B 132 -14.11 -3.18 -20.45
N GLU B 133 -13.98 -2.42 -21.55
CA GLU B 133 -14.58 -2.86 -22.81
C GLU B 133 -13.98 -4.17 -23.28
N PHE B 134 -12.66 -4.35 -23.11
CA PHE B 134 -12.06 -5.62 -23.54
C PHE B 134 -12.31 -6.73 -22.52
N ALA B 135 -12.24 -6.39 -21.22
CA ALA B 135 -12.43 -7.42 -20.21
C ALA B 135 -13.84 -8.01 -20.27
N ARG B 136 -14.86 -7.15 -20.45
CA ARG B 136 -16.24 -7.64 -20.44
C ARG B 136 -16.50 -8.63 -21.56
N ARG B 137 -15.78 -8.51 -22.67
CA ARG B 137 -15.93 -9.40 -23.83
C ARG B 137 -15.01 -10.61 -23.76
N ALA B 138 -13.86 -10.46 -23.09
CA ALA B 138 -12.92 -11.57 -22.97
C ALA B 138 -13.37 -12.58 -21.91
N VAL B 139 -13.99 -12.10 -20.81
CA VAL B 139 -14.32 -13.01 -19.71
C VAL B 139 -15.06 -14.26 -20.16
N PRO B 140 -16.09 -14.18 -21.01
CA PRO B 140 -16.78 -15.42 -21.41
C PRO B 140 -15.90 -16.37 -22.20
N LEU B 141 -14.84 -15.86 -22.83
CA LEU B 141 -13.89 -16.70 -23.53
C LEU B 141 -12.87 -17.29 -22.55
N LEU B 142 -12.32 -16.43 -21.69
CA LEU B 142 -11.27 -16.83 -20.75
C LEU B 142 -11.73 -17.92 -19.79
N ARG B 143 -13.00 -17.88 -19.37
CA ARG B 143 -13.48 -18.88 -18.41
C ARG B 143 -13.55 -20.28 -19.01
N GLU B 144 -13.38 -20.41 -20.32
CA GLU B 144 -13.33 -21.72 -20.98
C GLU B 144 -11.92 -22.20 -21.27
N SER B 145 -10.91 -21.47 -20.81
CA SER B 145 -9.53 -21.82 -21.11
C SER B 145 -9.10 -23.06 -20.32
N LYS B 146 -8.34 -23.94 -20.99
CA LYS B 146 -7.84 -25.14 -20.32
C LYS B 146 -6.89 -24.80 -19.20
N HIS B 147 -6.18 -23.68 -19.31
CA HIS B 147 -5.17 -23.33 -18.34
C HIS B 147 -5.70 -22.41 -17.26
N GLY B 148 -6.95 -22.03 -17.31
N GLY B 148 -6.93 -21.90 -17.42
CA GLY B 148 -7.31 -20.92 -16.47
CA GLY B 148 -7.59 -21.01 -16.47
C GLY B 148 -6.76 -19.68 -17.12
C GLY B 148 -8.18 -19.71 -17.00
N GLY B 149 -7.55 -19.15 -18.03
CA GLY B 149 -7.63 -17.76 -18.44
C GLY B 149 -6.81 -16.74 -17.66
N ALA B 150 -6.32 -15.72 -18.36
CA ALA B 150 -5.54 -14.68 -17.70
C ALA B 150 -5.92 -13.32 -18.29
N ILE B 151 -5.92 -12.32 -17.44
CA ILE B 151 -5.96 -10.92 -17.86
C ILE B 151 -4.68 -10.29 -17.32
N ILE B 152 -3.88 -9.71 -18.21
CA ILE B 152 -2.68 -8.98 -17.82
C ILE B 152 -2.90 -7.52 -18.18
N ALA B 153 -3.02 -6.65 -17.18
CA ALA B 153 -3.32 -5.25 -17.40
C ALA B 153 -2.04 -4.46 -17.24
N LEU B 154 -1.84 -3.48 -18.11
CA LEU B 154 -0.65 -2.64 -18.06
C LEU B 154 -1.00 -1.38 -17.28
N SER B 155 -0.48 -1.30 -16.05
CA SER B 155 -0.56 -0.11 -15.22
C SER B 155 0.74 0.66 -15.47
N SER B 156 1.33 1.23 -14.42
CA SER B 156 2.56 1.99 -14.54
C SER B 156 3.09 2.20 -13.14
N VAL B 157 4.35 2.66 -13.02
CA VAL B 157 4.76 3.08 -11.68
C VAL B 157 3.92 4.25 -11.23
N ALA B 158 3.29 4.97 -12.18
CA ALA B 158 2.34 6.03 -11.83
C ALA B 158 1.05 5.49 -11.26
N GLY B 159 0.90 4.17 -11.18
CA GLY B 159 -0.22 3.54 -10.49
C GLY B 159 0.05 3.17 -9.05
N ARG B 160 1.26 3.43 -8.58
CA ARG B 160 1.63 3.20 -7.19
C ARG B 160 2.30 4.41 -6.55
N LEU B 161 2.38 5.52 -7.28
CA LEU B 161 3.00 6.76 -6.83
C LEU B 161 2.16 7.91 -7.36
N GLY B 162 2.25 9.05 -6.68
CA GLY B 162 1.68 10.28 -7.24
C GLY B 162 2.56 10.81 -8.35
N TYR B 163 1.95 11.54 -9.29
CA TYR B 163 2.65 12.04 -10.48
C TYR B 163 2.17 13.46 -10.78
N ALA B 164 2.84 14.45 -10.22
CA ALA B 164 2.53 15.85 -10.52
C ALA B 164 2.55 16.12 -12.02
N TYR B 165 1.64 16.99 -12.46
CA TYR B 165 1.50 17.42 -13.85
C TYR B 165 1.08 16.30 -14.77
N ARG B 166 0.70 15.14 -14.23
CA ARG B 166 0.27 13.98 -15.03
C ARG B 166 -0.97 13.37 -14.40
N THR B 167 -1.88 14.21 -13.89
CA THR B 167 -2.96 13.68 -13.07
C THR B 167 -3.89 12.71 -13.80
N PRO B 168 -4.31 12.94 -15.05
CA PRO B 168 -5.17 11.93 -15.66
C PRO B 168 -4.48 10.59 -15.81
N TYR B 169 -3.20 10.62 -16.19
CA TYR B 169 -2.43 9.38 -16.33
C TYR B 169 -2.37 8.65 -15.00
N ALA B 170 -1.94 9.34 -13.94
CA ALA B 170 -1.84 8.67 -12.66
C ALA B 170 -3.21 8.16 -12.20
N ALA B 171 -4.26 8.97 -12.39
CA ALA B 171 -5.58 8.54 -11.94
C ALA B 171 -5.98 7.25 -12.63
N THR B 172 -5.71 7.14 -13.94
CA THR B 172 -6.09 5.91 -14.64
C THR B 172 -5.19 4.75 -14.28
N LYS B 173 -3.90 4.99 -14.01
CA LYS B 173 -3.05 3.86 -13.66
C LYS B 173 -3.36 3.33 -12.25
N TRP B 174 -3.78 4.19 -11.32
CA TRP B 174 -4.29 3.70 -10.04
C TRP B 174 -5.62 2.96 -10.22
N ALA B 175 -6.49 3.47 -11.11
CA ALA B 175 -7.76 2.79 -11.38
C ALA B 175 -7.53 1.38 -11.87
N VAL B 176 -6.53 1.18 -12.73
CA VAL B 176 -6.24 -0.15 -13.26
C VAL B 176 -5.91 -1.12 -12.13
N VAL B 177 -5.12 -0.66 -11.15
CA VAL B 177 -4.79 -1.52 -10.01
C VAL B 177 -6.07 -1.94 -9.28
N GLY B 178 -6.94 -0.98 -9.01
CA GLY B 178 -8.18 -1.31 -8.32
C GLY B 178 -9.06 -2.25 -9.14
N LEU B 179 -9.06 -2.06 -10.46
CA LEU B 179 -9.84 -2.94 -11.32
C LEU B 179 -9.27 -4.35 -11.28
N VAL B 180 -7.93 -4.46 -11.34
CA VAL B 180 -7.27 -5.77 -11.26
C VAL B 180 -7.60 -6.46 -9.94
N LYS B 181 -7.52 -5.74 -8.82
CA LYS B 181 -7.76 -6.39 -7.53
C LYS B 181 -9.22 -6.82 -7.40
N SER B 182 -10.14 -6.01 -7.93
CA SER B 182 -11.55 -6.37 -7.91
C SER B 182 -11.81 -7.58 -8.80
N LEU B 183 -11.23 -7.59 -10.01
CA LEU B 183 -11.48 -8.69 -10.92
C LEU B 183 -10.83 -9.97 -10.46
N ALA B 184 -9.71 -9.87 -9.75
CA ALA B 184 -9.08 -11.09 -9.25
C ALA B 184 -9.99 -11.81 -8.26
N ILE B 185 -10.65 -11.06 -7.37
CA ILE B 185 -11.64 -11.67 -6.47
C ILE B 185 -12.82 -12.21 -7.26
N GLU B 186 -13.32 -11.40 -8.20
CA GLU B 186 -14.55 -11.74 -8.92
C GLU B 186 -14.39 -13.01 -9.75
N LEU B 187 -13.26 -13.11 -10.46
CA LEU B 187 -13.04 -14.12 -11.48
C LEU B 187 -12.17 -15.28 -11.02
N GLY B 188 -11.51 -15.14 -9.88
CA GLY B 188 -10.68 -16.19 -9.33
C GLY B 188 -11.35 -17.55 -9.25
N PRO B 189 -12.55 -17.62 -8.68
CA PRO B 189 -13.25 -18.91 -8.61
C PRO B 189 -13.57 -19.50 -9.98
N LEU B 190 -13.56 -18.69 -11.03
CA LEU B 190 -13.72 -19.18 -12.39
C LEU B 190 -12.41 -19.63 -13.00
N GLY B 191 -11.31 -19.50 -12.27
CA GLY B 191 -10.00 -19.87 -12.75
C GLY B 191 -9.25 -18.76 -13.44
N ILE B 192 -9.82 -17.57 -13.56
CA ILE B 192 -9.16 -16.50 -14.31
C ILE B 192 -8.21 -15.74 -13.39
N ARG B 193 -6.93 -15.72 -13.76
CA ARG B 193 -5.92 -14.91 -13.10
C ARG B 193 -5.97 -13.49 -13.64
N VAL B 194 -5.73 -12.50 -12.77
CA VAL B 194 -5.81 -11.10 -13.15
C VAL B 194 -4.72 -10.34 -12.41
N ASN B 195 -3.81 -9.72 -13.15
CA ASN B 195 -2.68 -9.01 -12.55
C ASN B 195 -2.39 -7.77 -13.37
N ALA B 196 -1.72 -6.80 -12.74
CA ALA B 196 -1.20 -5.63 -13.42
C ALA B 196 0.33 -5.72 -13.45
N ILE B 197 0.91 -5.36 -14.59
CA ILE B 197 2.34 -5.07 -14.65
C ILE B 197 2.48 -3.56 -14.62
N GLN B 198 3.39 -3.06 -13.80
CA GLN B 198 3.64 -1.62 -13.69
C GLN B 198 5.02 -1.32 -14.25
N PRO B 199 5.15 -1.01 -15.53
CA PRO B 199 6.46 -0.64 -16.06
C PRO B 199 6.94 0.67 -15.45
N GLY B 200 8.24 0.75 -15.25
CA GLY B 200 8.88 1.98 -14.83
C GLY B 200 9.16 2.94 -15.98
N ILE B 201 10.40 3.41 -16.05
CA ILE B 201 10.85 4.32 -17.10
C ILE B 201 11.37 3.44 -18.23
N VAL B 202 10.55 3.25 -19.25
CA VAL B 202 10.81 2.22 -20.26
C VAL B 202 11.44 2.87 -21.48
N ARG B 203 12.61 2.36 -21.89
CA ARG B 203 13.32 2.88 -23.05
C ARG B 203 12.48 2.79 -24.31
N GLY B 204 12.62 3.79 -25.17
CA GLY B 204 11.89 3.83 -26.41
C GLY B 204 11.37 5.22 -26.73
N PRO B 205 10.67 5.35 -27.86
CA PRO B 205 10.25 6.69 -28.30
C PRO B 205 9.25 7.36 -27.37
N ARG B 206 8.37 6.59 -26.72
CA ARG B 206 7.31 7.19 -25.94
C ARG B 206 7.87 7.90 -24.71
N ILE B 207 8.81 7.26 -23.99
CA ILE B 207 9.37 7.93 -22.81
C ILE B 207 10.14 9.16 -23.23
N ARG B 208 10.72 9.16 -24.44
CA ARG B 208 11.44 10.35 -24.89
CA ARG B 208 11.44 10.34 -24.92
C ARG B 208 10.49 11.51 -25.14
N ARG B 209 9.28 11.23 -25.61
CA ARG B 209 8.25 12.26 -25.74
C ARG B 209 7.80 12.75 -24.36
N VAL B 210 7.69 11.84 -23.39
CA VAL B 210 7.30 12.23 -22.04
C VAL B 210 8.36 13.13 -21.42
N ILE B 211 9.63 12.76 -21.56
CA ILE B 211 10.71 13.54 -20.96
C ILE B 211 10.76 14.92 -21.59
N GLU B 212 10.69 14.97 -22.92
CA GLU B 212 10.60 16.25 -23.63
C GLU B 212 9.45 17.10 -23.10
N ALA B 213 8.26 16.50 -22.93
CA ALA B 213 7.11 17.28 -22.50
C ALA B 213 7.27 17.75 -21.07
N ARG B 214 7.93 16.97 -20.22
CA ARG B 214 8.07 17.37 -18.82
C ARG B 214 9.17 18.40 -18.67
N ALA B 215 10.25 18.28 -19.46
CA ALA B 215 11.29 19.30 -19.47
C ALA B 215 10.70 20.66 -19.82
N GLN B 216 9.78 20.69 -20.80
CA GLN B 216 9.16 21.96 -21.18
C GLN B 216 8.28 22.49 -20.06
N GLN B 217 7.57 21.59 -19.37
CA GLN B 217 6.73 22.00 -18.26
C GLN B 217 7.56 22.65 -17.16
N LEU B 218 8.74 22.13 -16.90
CA LEU B 218 9.61 22.58 -15.83
C LEU B 218 10.63 23.60 -16.29
N GLY B 219 10.60 23.98 -17.57
CA GLY B 219 11.54 24.96 -18.07
C GLY B 219 12.99 24.53 -18.00
N ILE B 220 13.26 23.23 -18.08
CA ILE B 220 14.63 22.73 -18.08
C ILE B 220 14.88 21.99 -19.40
N GLY B 221 16.16 21.70 -19.65
CA GLY B 221 16.52 21.00 -20.85
C GLY B 221 16.22 19.51 -20.77
N TYR B 222 16.21 18.87 -21.95
CA TYR B 222 15.94 17.43 -22.02
C TYR B 222 16.94 16.65 -21.17
N ASP B 223 18.24 16.96 -21.32
CA ASP B 223 19.23 16.16 -20.61
C ASP B 223 19.04 16.23 -19.09
N GLU B 224 18.77 17.42 -18.56
CA GLU B 224 18.58 17.54 -17.11
C GLU B 224 17.35 16.75 -16.66
N MET B 225 16.26 16.87 -17.41
CA MET B 225 15.05 16.11 -17.09
C MET B 225 15.32 14.62 -17.10
N GLU B 226 16.06 14.14 -18.10
CA GLU B 226 16.38 12.72 -18.19
C GLU B 226 17.22 12.27 -17.00
N GLN B 227 18.23 13.06 -16.63
CA GLN B 227 19.05 12.69 -15.48
C GLN B 227 18.24 12.64 -14.19
N ARG B 228 17.23 13.51 -14.04
CA ARG B 228 16.38 13.43 -12.84
C ARG B 228 15.62 12.12 -12.80
N TYR B 229 15.14 11.64 -13.96
CA TYR B 229 14.46 10.34 -13.99
C TYR B 229 15.42 9.22 -13.62
N LEU B 230 16.65 9.25 -14.16
CA LEU B 230 17.56 8.13 -13.98
C LEU B 230 18.04 8.01 -12.54
N GLU B 231 18.29 9.16 -11.88
CA GLU B 231 18.80 9.13 -10.51
C GLU B 231 17.73 8.69 -9.52
N ARG B 232 16.47 8.66 -9.93
CA ARG B 232 15.40 8.16 -9.07
CA ARG B 232 15.37 8.17 -9.10
C ARG B 232 14.97 6.75 -9.46
N ILE B 233 15.85 6.00 -10.12
CA ILE B 233 15.70 4.56 -10.30
C ILE B 233 16.80 3.90 -9.49
N SER B 234 16.45 2.98 -8.59
CA SER B 234 17.48 2.45 -7.71
C SER B 234 18.59 1.77 -8.51
N LEU B 235 18.24 1.08 -9.60
CA LEU B 235 19.25 0.46 -10.47
C LEU B 235 19.91 1.45 -11.42
N ARG B 236 19.42 2.69 -11.49
CA ARG B 236 20.05 3.76 -12.27
C ARG B 236 20.08 3.46 -13.77
N ARG B 237 19.10 2.74 -14.27
CA ARG B 237 19.00 2.43 -15.69
C ARG B 237 17.53 2.25 -16.05
N MET B 238 17.19 2.63 -17.27
CA MET B 238 15.81 2.48 -17.70
C MET B 238 15.45 1.00 -17.88
N THR B 239 14.16 0.73 -17.79
CA THR B 239 13.62 -0.61 -18.01
C THR B 239 13.53 -0.88 -19.51
N GLU B 240 13.88 -2.15 -19.91
CA GLU B 240 13.72 -2.56 -21.31
C GLU B 240 12.34 -3.15 -21.55
N PRO B 241 11.76 -2.94 -22.73
CA PRO B 241 10.45 -3.58 -23.03
C PRO B 241 10.48 -5.09 -22.85
N ALA B 242 11.60 -5.74 -23.16
CA ALA B 242 11.67 -7.19 -23.02
C ALA B 242 11.42 -7.64 -21.59
N GLU B 243 11.75 -6.80 -20.59
CA GLU B 243 11.47 -7.14 -19.20
C GLU B 243 9.98 -7.22 -18.94
N ILE B 244 9.21 -6.29 -19.52
CA ILE B 244 7.75 -6.34 -19.38
C ILE B 244 7.22 -7.59 -20.08
N ALA B 245 7.74 -7.88 -21.27
CA ALA B 245 7.33 -9.08 -21.99
C ALA B 245 7.64 -10.33 -21.18
N ALA B 246 8.82 -10.37 -20.54
CA ALA B 246 9.21 -11.54 -19.78
C ALA B 246 8.29 -11.77 -18.60
N THR B 247 7.92 -10.69 -17.90
CA THR B 247 7.01 -10.81 -16.78
C THR B 247 5.64 -11.33 -17.22
N ALA B 248 5.15 -10.86 -18.37
CA ALA B 248 3.87 -11.37 -18.87
C ALA B 248 3.96 -12.85 -19.18
N LEU B 249 5.08 -13.29 -19.80
CA LEU B 249 5.26 -14.71 -20.05
C LEU B 249 5.29 -15.50 -18.76
N PHE B 250 6.01 -14.99 -17.75
CA PHE B 250 6.09 -15.70 -16.48
C PHE B 250 4.72 -15.91 -15.86
N LEU B 251 3.87 -14.88 -15.88
CA LEU B 251 2.50 -15.04 -15.39
C LEU B 251 1.74 -16.11 -16.16
N CYS B 252 2.19 -16.48 -17.37
CA CYS B 252 1.50 -17.49 -18.16
C CYS B 252 2.26 -18.81 -18.20
N SER B 253 3.11 -19.04 -17.23
CA SER B 253 3.86 -20.26 -17.04
CA SER B 253 3.86 -20.27 -17.04
C SER B 253 3.32 -21.05 -15.85
N PRO B 254 3.61 -22.34 -15.77
CA PRO B 254 3.16 -23.09 -14.57
C PRO B 254 3.66 -22.45 -13.29
N GLY B 255 4.89 -21.96 -13.27
CA GLY B 255 5.45 -21.40 -12.04
C GLY B 255 4.83 -20.08 -11.64
N GLY B 256 4.31 -19.32 -12.59
CA GLY B 256 3.73 -18.04 -12.30
C GLY B 256 2.22 -18.03 -12.30
N HIS B 257 1.58 -19.17 -12.55
CA HIS B 257 0.14 -19.14 -12.80
C HIS B 257 -0.70 -19.22 -11.54
N GLY B 258 -0.07 -19.27 -10.38
CA GLY B 258 -0.77 -19.11 -9.12
C GLY B 258 -0.76 -17.70 -8.60
N ILE B 259 -0.25 -16.75 -9.38
CA ILE B 259 -0.21 -15.33 -9.00
C ILE B 259 -1.46 -14.64 -9.54
N THR B 260 -2.20 -13.97 -8.66
CA THR B 260 -3.37 -13.22 -9.11
C THR B 260 -3.69 -12.15 -8.07
N GLY B 261 -4.35 -11.08 -8.53
CA GLY B 261 -4.64 -9.96 -7.66
C GLY B 261 -3.50 -8.98 -7.44
N GLN B 262 -2.37 -9.13 -8.14
CA GLN B 262 -1.17 -8.41 -7.81
C GLN B 262 -0.82 -7.35 -8.87
N ALA B 263 -0.09 -6.34 -8.42
CA ALA B 263 0.57 -5.40 -9.31
C ALA B 263 2.07 -5.63 -9.15
N ILE B 264 2.73 -5.96 -10.25
CA ILE B 264 4.15 -6.27 -10.25
C ILE B 264 4.86 -5.10 -10.92
N SER B 265 5.61 -4.35 -10.14
CA SER B 265 6.33 -3.20 -10.65
C SER B 265 7.66 -3.69 -11.21
N VAL B 266 7.91 -3.36 -12.47
CA VAL B 266 9.08 -3.83 -13.20
C VAL B 266 9.76 -2.55 -13.64
N CYS B 267 10.68 -2.06 -12.81
CA CYS B 267 11.00 -0.63 -12.87
C CYS B 267 12.38 -0.26 -12.36
N GLY B 268 13.17 -1.22 -11.91
CA GLY B 268 14.43 -0.88 -11.26
C GLY B 268 14.26 -0.17 -9.94
N ASN B 269 13.06 -0.24 -9.37
CA ASN B 269 12.62 0.57 -8.24
C ASN B 269 12.65 2.06 -8.55
N VAL B 270 11.67 2.52 -9.33
CA VAL B 270 11.42 3.96 -9.37
C VAL B 270 11.08 4.43 -7.95
N GLU B 271 11.94 5.28 -7.41
CA GLU B 271 11.83 5.65 -6.00
C GLU B 271 10.74 6.68 -5.77
N VAL B 272 10.51 7.54 -6.75
CA VAL B 272 9.57 8.64 -6.65
C VAL B 272 9.39 9.17 -8.06
N LEU B 273 8.23 9.79 -8.31
CA LEU B 273 7.97 10.51 -9.56
C LEU B 273 7.81 11.99 -9.28
N THR C 10 14.54 -16.08 -28.23
CA THR C 10 15.26 -15.51 -27.09
C THR C 10 14.29 -15.30 -25.94
N ALA C 11 12.99 -15.46 -26.20
CA ALA C 11 12.02 -15.44 -25.10
C ALA C 11 12.33 -16.55 -24.11
N SER C 12 12.93 -17.65 -24.57
CA SER C 12 13.39 -18.69 -23.66
C SER C 12 14.61 -18.24 -22.88
N ASP C 13 15.54 -17.53 -23.53
CA ASP C 13 16.68 -16.98 -22.81
C ASP C 13 16.26 -15.97 -21.75
N LEU C 14 15.08 -15.34 -21.91
CA LEU C 14 14.66 -14.30 -20.96
C LEU C 14 14.30 -14.92 -19.61
N LEU C 15 13.65 -16.08 -19.60
CA LEU C 15 13.13 -16.61 -18.35
C LEU C 15 14.07 -17.61 -17.67
N LYS C 16 15.16 -18.00 -18.33
CA LYS C 16 15.96 -18.97 -17.59
C LYS C 16 17.01 -18.25 -16.74
N PRO C 17 17.21 -18.72 -15.51
CA PRO C 17 18.20 -18.11 -14.63
C PRO C 17 19.58 -18.14 -15.24
N TYR C 18 20.40 -17.16 -14.85
CA TYR C 18 21.81 -17.17 -15.27
C TYR C 18 22.48 -18.48 -14.87
N ASP C 19 23.33 -18.99 -15.75
CA ASP C 19 24.05 -20.21 -15.44
C ASP C 19 25.11 -19.96 -14.37
N GLY C 20 25.36 -20.97 -13.55
CA GLY C 20 26.48 -20.95 -12.62
C GLY C 20 26.31 -20.06 -11.41
N LEU C 21 25.08 -19.65 -11.07
CA LEU C 21 24.87 -18.79 -9.92
C LEU C 21 25.30 -19.47 -8.63
N ARG C 22 26.00 -18.73 -7.78
CA ARG C 22 26.38 -19.17 -6.45
C ARG C 22 25.29 -18.70 -5.49
N VAL C 23 24.52 -19.65 -4.97
CA VAL C 23 23.29 -19.35 -4.23
C VAL C 23 23.39 -19.92 -2.83
N LEU C 24 23.04 -19.10 -1.83
CA LEU C 24 22.90 -19.53 -0.46
C LEU C 24 21.44 -19.42 -0.05
N VAL C 25 20.84 -20.54 0.36
CA VAL C 25 19.46 -20.55 0.86
C VAL C 25 19.51 -20.83 2.35
N THR C 26 19.02 -19.89 3.16
CA THR C 26 18.94 -20.13 4.60
C THR C 26 17.69 -20.95 4.92
N GLY C 27 17.82 -21.88 5.86
CA GLY C 27 16.74 -22.81 6.13
C GLY C 27 16.39 -23.64 4.91
N GLY C 28 17.39 -24.06 4.16
CA GLY C 28 17.18 -24.58 2.83
C GLY C 28 17.09 -26.08 2.69
N ALA C 29 17.01 -26.84 3.77
CA ALA C 29 16.96 -28.29 3.67
C ALA C 29 15.56 -28.86 3.81
N SER C 30 14.54 -28.03 3.91
CA SER C 30 13.16 -28.50 4.00
C SER C 30 12.21 -27.42 3.52
N GLY C 31 11.01 -27.85 3.14
CA GLY C 31 9.94 -26.91 2.84
C GLY C 31 10.24 -26.02 1.66
N ILE C 32 9.79 -24.76 1.74
CA ILE C 32 9.96 -23.80 0.65
C ILE C 32 11.44 -23.62 0.33
N GLY C 33 12.29 -23.58 1.35
CA GLY C 33 13.70 -23.31 1.11
C GLY C 33 14.36 -24.39 0.28
N LEU C 34 14.00 -25.66 0.55
CA LEU C 34 14.51 -26.77 -0.26
C LEU C 34 13.97 -26.70 -1.68
N ALA C 35 12.69 -26.36 -1.85
CA ALA C 35 12.15 -26.18 -3.20
C ALA C 35 12.96 -25.15 -3.97
N ILE C 36 13.29 -24.02 -3.32
CA ILE C 36 14.12 -23.01 -3.98
C ILE C 36 15.50 -23.55 -4.29
N ALA C 37 16.14 -24.19 -3.31
CA ALA C 37 17.49 -24.73 -3.50
C ALA C 37 17.50 -25.75 -4.64
N ASP C 38 16.56 -26.69 -4.62
CA ASP C 38 16.49 -27.69 -5.69
C ASP C 38 16.24 -27.06 -7.05
N ALA C 39 15.39 -26.04 -7.09
CA ALA C 39 15.10 -25.37 -8.35
C ALA C 39 16.36 -24.74 -8.94
N PHE C 40 17.10 -24.01 -8.11
CA PHE C 40 18.36 -23.42 -8.56
C PHE C 40 19.35 -24.50 -9.00
N ALA C 41 19.43 -25.59 -8.24
CA ALA C 41 20.36 -26.66 -8.59
C ALA C 41 20.04 -27.26 -9.95
N GLU C 42 18.77 -27.27 -10.33
CA GLU C 42 18.39 -27.78 -11.64
C GLU C 42 18.81 -26.86 -12.78
N CYS C 43 19.08 -25.59 -12.49
CA CYS C 43 19.43 -24.60 -13.50
C CYS C 43 20.91 -24.23 -13.44
N GLY C 44 21.76 -25.21 -13.20
CA GLY C 44 23.20 -25.03 -13.26
C GLY C 44 23.80 -24.27 -12.11
N ALA C 45 23.05 -24.00 -11.05
CA ALA C 45 23.59 -23.19 -9.96
C ALA C 45 24.44 -24.03 -9.02
N ARG C 46 25.38 -23.36 -8.37
CA ARG C 46 26.18 -23.93 -7.29
CA ARG C 46 26.17 -23.94 -7.28
C ARG C 46 25.50 -23.52 -5.99
N VAL C 47 24.75 -24.44 -5.39
CA VAL C 47 23.83 -24.13 -4.30
C VAL C 47 24.37 -24.64 -2.97
N HIS C 48 24.28 -23.79 -1.96
CA HIS C 48 24.60 -24.13 -0.58
C HIS C 48 23.41 -23.73 0.28
N VAL C 49 23.09 -24.56 1.27
CA VAL C 49 22.02 -24.24 2.20
C VAL C 49 22.58 -24.32 3.61
N CYS C 50 21.92 -23.62 4.54
CA CYS C 50 22.05 -23.96 5.94
C CYS C 50 20.70 -24.40 6.46
N ASP C 51 20.72 -25.16 7.56
CA ASP C 51 19.50 -25.68 8.16
C ASP C 51 19.80 -26.05 9.60
N ALA C 52 18.76 -25.98 10.45
CA ALA C 52 18.90 -26.28 11.87
C ALA C 52 18.75 -27.76 12.18
N SER C 53 18.27 -28.56 11.23
CA SER C 53 18.00 -29.98 11.44
C SER C 53 19.07 -30.82 10.76
N GLN C 54 19.82 -31.59 11.55
CA GLN C 54 20.77 -32.55 10.99
C GLN C 54 20.06 -33.59 10.13
N ALA C 55 18.88 -34.03 10.57
CA ALA C 55 18.16 -35.05 9.82
C ALA C 55 17.70 -34.54 8.46
N ALA C 56 17.23 -33.29 8.40
CA ALA C 56 16.85 -32.72 7.11
C ALA C 56 18.06 -32.65 6.18
N ILE C 57 19.22 -32.25 6.70
CA ILE C 57 20.43 -32.15 5.88
C ILE C 57 20.83 -33.51 5.33
N ALA C 58 20.75 -34.56 6.16
CA ALA C 58 21.22 -35.86 5.71
C ALA C 58 20.37 -36.40 4.57
N ALA C 59 19.09 -36.00 4.52
CA ALA C 59 18.20 -36.47 3.47
C ALA C 59 18.45 -35.82 2.11
N LEU C 60 19.35 -34.83 2.05
CA LEU C 60 19.62 -34.18 0.76
C LEU C 60 20.41 -35.10 -0.17
N ALA C 61 21.31 -35.90 0.39
CA ALA C 61 22.27 -36.63 -0.42
C ALA C 61 21.62 -37.78 -1.19
N ASP C 62 22.11 -37.98 -2.41
CA ASP C 62 21.85 -39.20 -3.18
C ASP C 62 20.36 -39.38 -3.50
N ARG C 63 19.71 -38.29 -3.92
CA ARG C 63 18.36 -38.33 -4.46
C ARG C 63 18.42 -38.48 -5.98
N PRO C 64 17.65 -39.38 -6.58
CA PRO C 64 17.79 -39.66 -8.01
C PRO C 64 17.65 -38.41 -8.87
N SER C 65 18.61 -38.22 -9.77
CA SER C 65 18.67 -37.12 -10.72
C SER C 65 18.60 -35.74 -10.06
N ARG C 66 19.00 -35.65 -8.80
CA ARG C 66 19.10 -34.40 -8.08
C ARG C 66 20.56 -34.01 -7.95
N ALA C 67 20.92 -32.84 -8.47
CA ALA C 67 22.27 -32.33 -8.30
C ALA C 67 22.60 -32.16 -6.82
N ALA C 68 23.87 -32.36 -6.48
CA ALA C 68 24.32 -32.23 -5.11
C ALA C 68 24.15 -30.79 -4.62
N ILE C 69 23.85 -30.64 -3.34
CA ILE C 69 23.69 -29.35 -2.70
C ILE C 69 24.55 -29.32 -1.45
N GLY C 70 25.32 -28.25 -1.26
CA GLY C 70 26.11 -28.11 -0.05
C GLY C 70 25.25 -27.71 1.14
N ALA C 71 25.71 -28.07 2.34
CA ALA C 71 24.92 -27.75 3.52
C ALA C 71 25.81 -27.47 4.72
N THR C 72 25.32 -26.59 5.58
CA THR C 72 25.91 -26.27 6.87
C THR C 72 24.83 -26.37 7.93
N LEU C 73 25.13 -27.05 9.03
CA LEU C 73 24.19 -27.13 10.15
C LEU C 73 24.25 -25.82 10.92
N ALA C 74 23.13 -25.12 11.01
CA ALA C 74 23.14 -23.80 11.64
C ALA C 74 21.75 -23.41 12.10
N ASP C 75 21.65 -22.96 13.35
CA ASP C 75 20.53 -22.17 13.83
C ASP C 75 20.82 -20.71 13.50
N VAL C 76 19.95 -20.08 12.71
CA VAL C 76 20.26 -18.77 12.13
C VAL C 76 20.34 -17.69 13.20
N SER C 77 20.01 -18.02 14.44
CA SER C 77 20.13 -17.06 15.53
C SER C 77 21.44 -17.19 16.31
N ASP C 78 22.29 -18.16 15.98
CA ASP C 78 23.58 -18.31 16.64
C ASP C 78 24.67 -17.75 15.73
N ARG C 79 25.39 -16.74 16.23
CA ARG C 79 26.33 -15.99 15.41
C ARG C 79 27.47 -16.85 14.90
N ALA C 80 27.94 -17.79 15.73
CA ALA C 80 29.06 -18.64 15.32
C ALA C 80 28.64 -19.62 14.23
N ALA C 81 27.41 -20.12 14.28
CA ALA C 81 26.94 -21.01 13.22
C ALA C 81 26.78 -20.26 11.91
N VAL C 82 26.32 -19.01 11.98
CA VAL C 82 26.22 -18.18 10.77
C VAL C 82 27.60 -17.92 10.19
N GLU C 83 28.60 -17.68 11.06
CA GLU C 83 29.96 -17.49 10.56
C GLU C 83 30.46 -18.73 9.86
N ARG C 84 30.12 -19.92 10.37
CA ARG C 84 30.53 -21.15 9.71
C ARG C 84 29.83 -21.31 8.37
N VAL C 85 28.55 -20.93 8.29
CA VAL C 85 27.84 -20.97 7.02
C VAL C 85 28.63 -20.20 5.96
N PHE C 86 28.99 -18.96 6.25
CA PHE C 86 29.73 -18.18 5.27
C PHE C 86 31.14 -18.73 5.05
N ALA C 87 31.73 -19.37 6.06
CA ALA C 87 33.03 -20.00 5.86
C ALA C 87 32.93 -21.18 4.91
N ASP C 88 31.86 -21.99 5.03
CA ASP C 88 31.67 -23.11 4.11
C ASP C 88 31.36 -22.62 2.71
N VAL C 89 30.54 -21.59 2.58
CA VAL C 89 30.26 -21.01 1.27
C VAL C 89 31.55 -20.54 0.62
N ALA C 90 32.38 -19.83 1.37
CA ALA C 90 33.62 -19.29 0.81
C ALA C 90 34.55 -20.41 0.34
N ALA C 91 34.57 -21.52 1.07
CA ALA C 91 35.51 -22.60 0.79
C ALA C 91 35.08 -23.45 -0.38
N THR C 92 33.80 -23.41 -0.76
CA THR C 92 33.25 -24.22 -1.82
C THR C 92 32.75 -23.38 -2.99
N LEU C 93 31.81 -22.47 -2.75
CA LEU C 93 31.32 -21.61 -3.82
C LEU C 93 32.37 -20.56 -4.20
N GLY C 94 33.11 -20.03 -3.23
CA GLY C 94 34.13 -19.04 -3.52
C GLY C 94 33.60 -17.67 -3.84
N GLY C 95 32.37 -17.38 -3.42
CA GLY C 95 31.70 -16.14 -3.75
C GLY C 95 30.22 -16.34 -3.55
N LEU C 96 29.46 -15.29 -3.87
CA LEU C 96 28.00 -15.36 -3.72
C LEU C 96 27.34 -14.45 -4.74
N ASP C 97 26.36 -14.99 -5.47
CA ASP C 97 25.52 -14.20 -6.37
C ASP C 97 24.12 -13.98 -5.86
N VAL C 98 23.57 -14.93 -5.09
CA VAL C 98 22.20 -14.84 -4.60
C VAL C 98 22.19 -15.25 -3.13
N LEU C 99 21.67 -14.38 -2.28
CA LEU C 99 21.27 -14.76 -0.93
C LEU C 99 19.75 -14.90 -0.91
N VAL C 100 19.27 -16.06 -0.48
CA VAL C 100 17.85 -16.30 -0.30
C VAL C 100 17.61 -16.34 1.21
N ASN C 101 17.05 -15.25 1.74
CA ASN C 101 16.76 -15.11 3.17
C ASN C 101 15.41 -15.78 3.44
N ASN C 102 15.45 -17.10 3.49
CA ASN C 102 14.24 -17.91 3.58
C ASN C 102 13.89 -18.35 5.00
N ALA C 103 14.88 -18.52 5.87
CA ALA C 103 14.63 -19.11 7.18
C ALA C 103 13.59 -18.31 7.95
N GLY C 104 12.69 -19.01 8.63
CA GLY C 104 11.69 -18.35 9.43
C GLY C 104 10.90 -19.37 10.20
N ILE C 105 10.19 -18.86 11.21
CA ILE C 105 9.28 -19.68 11.98
C ILE C 105 7.91 -19.01 12.04
N ALA C 106 6.89 -19.83 12.32
CA ALA C 106 5.53 -19.31 12.45
C ALA C 106 5.36 -18.47 13.70
N GLY C 107 6.11 -18.78 14.76
CA GLY C 107 5.90 -18.14 16.02
C GLY C 107 4.63 -18.63 16.67
N PRO C 108 4.28 -18.02 17.80
CA PRO C 108 3.16 -18.53 18.59
C PRO C 108 1.82 -18.09 18.04
N THR C 109 0.80 -18.92 18.32
CA THR C 109 -0.58 -18.59 18.01
C THR C 109 -1.28 -18.21 19.31
N GLY C 110 -1.86 -17.03 19.35
CA GLY C 110 -2.55 -16.57 20.54
C GLY C 110 -2.71 -15.07 20.54
N GLY C 111 -3.61 -14.62 21.40
CA GLY C 111 -3.78 -13.19 21.60
C GLY C 111 -2.52 -12.57 22.18
N ILE C 112 -2.37 -11.26 21.94
CA ILE C 112 -1.11 -10.61 22.31
C ILE C 112 -0.87 -10.69 23.82
N ASP C 113 -1.96 -10.68 24.63
CA ASP C 113 -1.85 -10.80 26.07
C ASP C 113 -1.63 -12.23 26.54
N GLU C 114 -1.81 -13.22 25.65
CA GLU C 114 -1.66 -14.63 25.98
C GLU C 114 -0.28 -15.22 25.65
N ILE C 115 0.41 -14.71 24.62
CA ILE C 115 1.56 -15.44 24.09
C ILE C 115 2.75 -15.28 25.01
N ASP C 116 3.61 -16.30 24.99
CA ASP C 116 4.85 -16.30 25.75
C ASP C 116 5.78 -15.24 25.19
N PRO C 117 6.21 -14.25 25.99
CA PRO C 117 7.16 -13.25 25.46
C PRO C 117 8.42 -13.87 24.88
N ALA C 118 8.87 -15.00 25.44
CA ALA C 118 10.05 -15.63 24.89
C ALA C 118 9.84 -16.07 23.45
N GLN C 119 8.61 -16.44 23.10
CA GLN C 119 8.35 -16.85 21.72
C GLN C 119 8.09 -15.67 20.79
N TRP C 120 7.55 -14.56 21.32
CA TRP C 120 7.62 -13.32 20.57
C TRP C 120 9.06 -13.03 20.19
N GLU C 121 9.95 -13.06 21.19
CA GLU C 121 11.34 -12.72 20.95
C GLU C 121 12.01 -13.67 19.96
N GLN C 122 11.71 -14.96 20.05
N GLN C 122 11.72 -14.97 20.07
CA GLN C 122 12.31 -15.93 19.14
CA GLN C 122 12.31 -15.93 19.14
C GLN C 122 11.81 -15.72 17.72
C GLN C 122 11.82 -15.67 17.72
N THR C 123 10.55 -15.32 17.56
CA THR C 123 10.03 -15.00 16.24
C THR C 123 10.78 -13.82 15.62
N VAL C 124 11.03 -12.77 16.42
CA VAL C 124 11.75 -11.61 15.92
C VAL C 124 13.20 -11.97 15.62
N ALA C 125 13.82 -12.78 16.48
CA ALA C 125 15.22 -13.15 16.30
C ALA C 125 15.44 -13.87 14.97
N ILE C 126 14.55 -14.79 14.63
CA ILE C 126 14.72 -15.63 13.46
CA ILE C 126 14.73 -15.63 13.45
C ILE C 126 14.18 -14.93 12.21
N ASN C 127 12.99 -14.35 12.31
CA ASN C 127 12.35 -13.84 11.10
C ASN C 127 12.88 -12.48 10.68
N LEU C 128 13.48 -11.74 11.60
CA LEU C 128 13.96 -10.39 11.29
C LEU C 128 15.44 -10.26 11.54
N ASN C 129 15.90 -10.49 12.78
CA ASN C 129 17.31 -10.20 13.06
C ASN C 129 18.23 -11.07 12.21
N ALA C 130 17.86 -12.32 11.94
CA ALA C 130 18.71 -13.17 11.12
C ALA C 130 18.79 -12.69 9.67
N GLN C 131 17.76 -12.00 9.17
CA GLN C 131 17.85 -11.43 7.83
C GLN C 131 18.99 -10.42 7.77
N PHE C 132 19.08 -9.59 8.80
CA PHE C 132 20.21 -8.66 8.92
C PHE C 132 21.53 -9.40 9.05
N GLU C 133 21.57 -10.44 9.90
CA GLU C 133 22.82 -11.17 10.09
C GLU C 133 23.35 -11.74 8.78
N PHE C 134 22.46 -12.29 7.94
CA PHE C 134 22.91 -12.85 6.66
C PHE C 134 23.14 -11.76 5.63
N ALA C 135 22.32 -10.72 5.61
CA ALA C 135 22.50 -9.68 4.61
C ALA C 135 23.80 -8.92 4.83
N ARG C 136 24.15 -8.62 6.08
CA ARG C 136 25.36 -7.85 6.34
CA ARG C 136 25.36 -7.85 6.33
C ARG C 136 26.61 -8.62 5.91
N ARG C 137 26.60 -9.95 6.00
N ARG C 137 26.60 -9.94 6.01
CA ARG C 137 27.75 -10.73 5.57
CA ARG C 137 27.75 -10.73 5.59
C ARG C 137 27.72 -11.00 4.08
C ARG C 137 27.73 -11.02 4.08
N ALA C 138 26.54 -11.03 3.48
CA ALA C 138 26.44 -11.33 2.06
C ALA C 138 26.75 -10.11 1.20
N VAL C 139 26.43 -8.90 1.66
CA VAL C 139 26.58 -7.72 0.81
C VAL C 139 28.00 -7.56 0.30
N PRO C 140 29.07 -7.75 1.10
CA PRO C 140 30.42 -7.64 0.53
C PRO C 140 30.70 -8.64 -0.58
N LEU C 141 30.08 -9.82 -0.51
CA LEU C 141 30.21 -10.81 -1.56
C LEU C 141 29.36 -10.44 -2.78
N LEU C 142 28.11 -10.08 -2.54
CA LEU C 142 27.16 -9.83 -3.64
C LEU C 142 27.56 -8.62 -4.46
N ARG C 143 28.24 -7.64 -3.86
CA ARG C 143 28.67 -6.49 -4.65
C ARG C 143 29.78 -6.83 -5.63
N GLU C 144 30.39 -8.01 -5.52
CA GLU C 144 31.40 -8.47 -6.47
C GLU C 144 30.83 -9.44 -7.51
N SER C 145 29.54 -9.72 -7.43
CA SER C 145 28.89 -10.65 -8.34
C SER C 145 28.91 -10.11 -9.77
N LYS C 146 29.39 -10.94 -10.70
CA LYS C 146 29.42 -10.54 -12.09
C LYS C 146 28.04 -10.20 -12.63
N HIS C 147 26.97 -10.78 -12.05
CA HIS C 147 25.63 -10.48 -12.49
C HIS C 147 25.00 -9.30 -11.76
N GLY C 148 25.65 -8.78 -10.71
CA GLY C 148 25.13 -7.66 -9.96
C GLY C 148 24.85 -7.98 -8.50
N GLY C 149 24.31 -9.16 -8.26
CA GLY C 149 23.97 -9.65 -6.94
C GLY C 149 22.48 -9.54 -6.67
N ALA C 150 21.96 -10.44 -5.85
CA ALA C 150 20.55 -10.42 -5.52
C ALA C 150 20.35 -10.90 -4.09
N ILE C 151 19.44 -10.23 -3.39
CA ILE C 151 18.86 -10.74 -2.16
C ILE C 151 17.40 -11.05 -2.45
N ILE C 152 16.95 -12.24 -2.06
CA ILE C 152 15.55 -12.62 -2.14
C ILE C 152 15.12 -12.94 -0.71
N ALA C 153 14.26 -12.09 -0.15
CA ALA C 153 13.79 -12.27 1.22
C ALA C 153 12.42 -12.92 1.20
N LEU C 154 12.20 -13.85 2.14
CA LEU C 154 10.89 -14.50 2.26
C LEU C 154 10.07 -13.75 3.29
N SER C 155 9.09 -13.00 2.81
CA SER C 155 8.09 -12.40 3.67
C SER C 155 6.91 -13.37 3.72
N SER C 156 5.69 -12.85 3.55
CA SER C 156 4.46 -13.64 3.67
C SER C 156 3.31 -12.74 3.26
N VAL C 157 2.15 -13.36 2.96
CA VAL C 157 0.97 -12.52 2.83
C VAL C 157 0.69 -11.81 4.14
N ALA C 158 1.20 -12.35 5.26
CA ALA C 158 1.07 -11.69 6.56
C ALA C 158 1.93 -10.46 6.66
N GLY C 159 2.73 -10.16 5.65
CA GLY C 159 3.47 -8.91 5.59
C GLY C 159 2.80 -7.83 4.78
N ARG C 160 1.65 -8.12 4.17
CA ARG C 160 0.84 -7.11 3.49
C ARG C 160 -0.58 -7.04 4.06
N LEU C 161 -0.88 -7.84 5.08
CA LEU C 161 -2.19 -7.92 5.70
C LEU C 161 -2.02 -8.01 7.21
N GLY C 162 -3.04 -7.61 7.96
CA GLY C 162 -3.05 -7.91 9.38
C GLY C 162 -3.36 -9.36 9.63
N TYR C 163 -2.85 -9.89 10.74
CA TYR C 163 -3.03 -11.31 11.11
C TYR C 163 -3.32 -11.40 12.62
N ALA C 164 -4.60 -11.42 12.98
CA ALA C 164 -4.97 -11.59 14.38
C ALA C 164 -4.44 -12.90 14.94
N TYR C 165 -4.02 -12.88 16.21
CA TYR C 165 -3.50 -14.04 16.95
C TYR C 165 -2.18 -14.53 16.40
N ARG C 166 -1.52 -13.74 15.55
CA ARG C 166 -0.22 -14.04 14.97
C ARG C 166 0.62 -12.78 14.94
N THR C 167 0.47 -11.92 15.95
CA THR C 167 1.10 -10.61 15.88
C THR C 167 2.62 -10.65 15.72
N PRO C 168 3.40 -11.50 16.41
CA PRO C 168 4.85 -11.47 16.14
C PRO C 168 5.16 -11.87 14.70
N TYR C 169 4.45 -12.86 14.15
CA TYR C 169 4.71 -13.26 12.78
C TYR C 169 4.41 -12.13 11.82
N ALA C 170 3.23 -11.51 11.96
CA ALA C 170 2.89 -10.41 11.06
C ALA C 170 3.89 -9.26 11.19
N ALA C 171 4.23 -8.88 12.44
CA ALA C 171 5.17 -7.78 12.60
C ALA C 171 6.48 -8.06 11.88
N THR C 172 7.01 -9.29 12.01
CA THR C 172 8.28 -9.57 11.36
C THR C 172 8.14 -9.61 9.85
N LYS C 173 6.99 -10.08 9.34
CA LYS C 173 6.86 -10.17 7.89
C LYS C 173 6.64 -8.80 7.25
N TRP C 174 6.00 -7.86 7.96
CA TRP C 174 5.98 -6.47 7.51
C TRP C 174 7.38 -5.87 7.60
N ALA C 175 8.15 -6.22 8.64
CA ALA C 175 9.50 -5.70 8.77
C ALA C 175 10.36 -6.09 7.57
N VAL C 176 10.20 -7.32 7.08
CA VAL C 176 11.01 -7.77 5.96
C VAL C 176 10.74 -6.92 4.72
N VAL C 177 9.48 -6.52 4.50
CA VAL C 177 9.15 -5.62 3.40
C VAL C 177 9.90 -4.29 3.55
N GLY C 178 9.84 -3.68 4.73
CA GLY C 178 10.54 -2.41 4.91
C GLY C 178 12.04 -2.58 4.75
N LEU C 179 12.59 -3.70 5.22
CA LEU C 179 14.01 -3.96 5.06
C LEU C 179 14.35 -4.08 3.58
N VAL C 180 13.51 -4.79 2.82
CA VAL C 180 13.73 -4.95 1.38
C VAL C 180 13.68 -3.61 0.68
N LYS C 181 12.67 -2.79 0.98
CA LYS C 181 12.55 -1.53 0.25
C LYS C 181 13.70 -0.58 0.59
N SER C 182 14.21 -0.67 1.82
CA SER C 182 15.35 0.15 2.20
C SER C 182 16.62 -0.31 1.53
N LEU C 183 16.88 -1.62 1.55
CA LEU C 183 18.07 -2.16 0.93
C LEU C 183 18.04 -1.98 -0.58
N ALA C 184 16.87 -2.02 -1.20
CA ALA C 184 16.82 -1.82 -2.65
C ALA C 184 17.37 -0.45 -3.03
N ILE C 185 16.99 0.59 -2.26
CA ILE C 185 17.54 1.92 -2.49
C ILE C 185 19.03 1.96 -2.18
N GLU C 186 19.41 1.37 -1.04
CA GLU C 186 20.80 1.45 -0.57
C GLU C 186 21.76 0.76 -1.52
N LEU C 187 21.40 -0.43 -1.99
CA LEU C 187 22.29 -1.31 -2.73
C LEU C 187 22.09 -1.25 -4.23
N GLY C 188 21.03 -0.58 -4.69
CA GLY C 188 20.70 -0.50 -6.09
C GLY C 188 21.85 0.03 -6.94
N PRO C 189 22.44 1.15 -6.52
CA PRO C 189 23.57 1.70 -7.29
C PRO C 189 24.79 0.79 -7.34
N LEU C 190 24.88 -0.20 -6.45
CA LEU C 190 25.92 -1.22 -6.49
C LEU C 190 25.57 -2.39 -7.39
N GLY C 191 24.34 -2.43 -7.91
CA GLY C 191 23.92 -3.49 -8.79
C GLY C 191 23.17 -4.61 -8.10
N ILE C 192 22.97 -4.54 -6.79
CA ILE C 192 22.31 -5.60 -6.04
C ILE C 192 20.81 -5.39 -6.07
N ARG C 193 20.08 -6.36 -6.61
CA ARG C 193 18.64 -6.37 -6.59
C ARG C 193 18.18 -6.94 -5.26
N VAL C 194 17.10 -6.38 -4.71
CA VAL C 194 16.57 -6.84 -3.43
C VAL C 194 15.04 -6.87 -3.53
N ASN C 195 14.45 -8.06 -3.33
CA ASN C 195 13.00 -8.21 -3.38
C ASN C 195 12.55 -9.14 -2.26
N ALA C 196 11.26 -9.05 -1.94
CA ALA C 196 10.57 -9.98 -1.05
C ALA C 196 9.62 -10.83 -1.87
N ILE C 197 9.57 -12.12 -1.58
CA ILE C 197 8.48 -12.95 -2.07
C ILE C 197 7.56 -13.17 -0.90
N GLN C 198 6.26 -13.01 -1.13
CA GLN C 198 5.25 -13.21 -0.10
C GLN C 198 4.43 -14.45 -0.42
N PRO C 199 4.81 -15.61 0.09
CA PRO C 199 4.00 -16.81 -0.13
C PRO C 199 2.66 -16.67 0.58
N GLY C 200 1.64 -17.28 -0.01
CA GLY C 200 0.34 -17.34 0.61
C GLY C 200 0.20 -18.53 1.53
N ILE C 201 -0.87 -19.29 1.35
CA ILE C 201 -1.17 -20.49 2.12
C ILE C 201 -0.50 -21.64 1.38
N VAL C 202 0.70 -22.02 1.82
CA VAL C 202 1.56 -22.93 1.04
C VAL C 202 1.35 -24.36 1.53
N ARG C 203 1.03 -25.25 0.59
CA ARG C 203 0.77 -26.65 0.91
C ARG C 203 2.02 -27.28 1.50
N GLY C 204 1.86 -27.96 2.63
CA GLY C 204 2.97 -28.57 3.32
C GLY C 204 2.66 -28.83 4.78
N PRO C 205 3.55 -29.55 5.46
CA PRO C 205 3.32 -29.81 6.89
C PRO C 205 3.25 -28.56 7.74
N ARG C 206 3.99 -27.51 7.36
CA ARG C 206 3.99 -26.31 8.17
C ARG C 206 2.62 -25.64 8.23
N ILE C 207 1.93 -25.51 7.09
CA ILE C 207 0.62 -24.86 7.13
C ILE C 207 -0.39 -25.73 7.86
N ARG C 208 -0.22 -27.06 7.86
CA ARG C 208 -1.19 -27.88 8.58
C ARG C 208 -1.04 -27.70 10.08
N ARG C 209 0.19 -27.50 10.57
CA ARG C 209 0.38 -27.15 11.97
C ARG C 209 -0.24 -25.80 12.29
N VAL C 210 -0.06 -24.82 11.41
CA VAL C 210 -0.66 -23.50 11.60
C VAL C 210 -2.17 -23.61 11.70
N ILE C 211 -2.79 -24.34 10.76
CA ILE C 211 -4.24 -24.46 10.73
C ILE C 211 -4.74 -25.15 11.99
N GLU C 212 -4.07 -26.25 12.37
CA GLU C 212 -4.37 -26.93 13.63
C GLU C 212 -4.31 -25.97 14.81
N ALA C 213 -3.25 -25.16 14.87
CA ALA C 213 -3.09 -24.23 15.99
C ALA C 213 -4.17 -23.15 15.96
N ARG C 214 -4.55 -22.68 14.77
CA ARG C 214 -5.54 -21.61 14.75
C ARG C 214 -6.93 -22.16 15.02
N ALA C 215 -7.20 -23.38 14.56
CA ALA C 215 -8.47 -24.03 14.88
C ALA C 215 -8.64 -24.18 16.38
N GLN C 216 -7.56 -24.51 17.09
CA GLN C 216 -7.63 -24.64 18.54
C GLN C 216 -7.80 -23.28 19.21
N GLN C 217 -7.18 -22.23 18.66
CA GLN C 217 -7.37 -20.89 19.19
C GLN C 217 -8.83 -20.45 19.08
N LEU C 218 -9.47 -20.76 17.95
CA LEU C 218 -10.84 -20.33 17.72
C LEU C 218 -11.87 -21.35 18.18
N GLY C 219 -11.43 -22.53 18.60
CA GLY C 219 -12.37 -23.51 19.12
C GLY C 219 -13.21 -24.19 18.05
N ILE C 220 -12.66 -24.32 16.85
CA ILE C 220 -13.33 -25.04 15.76
C ILE C 220 -12.45 -26.21 15.35
N GLY C 221 -12.99 -27.04 14.45
CA GLY C 221 -12.25 -28.19 13.97
C GLY C 221 -11.30 -27.84 12.84
N TYR C 222 -10.37 -28.75 12.58
CA TYR C 222 -9.37 -28.51 11.53
C TYR C 222 -10.06 -28.22 10.19
N ASP C 223 -11.00 -29.08 9.79
CA ASP C 223 -11.60 -28.95 8.47
C ASP C 223 -12.29 -27.60 8.29
N GLU C 224 -13.01 -27.14 9.31
CA GLU C 224 -13.66 -25.82 9.21
C GLU C 224 -12.61 -24.73 9.10
N MET C 225 -11.55 -24.81 9.89
CA MET C 225 -10.50 -23.81 9.82
C MET C 225 -9.81 -23.85 8.47
N GLU C 226 -9.56 -25.05 7.94
CA GLU C 226 -8.95 -25.15 6.62
C GLU C 226 -9.85 -24.54 5.56
N GLN C 227 -11.17 -24.80 5.67
CA GLN C 227 -12.13 -24.29 4.69
C GLN C 227 -12.19 -22.78 4.71
N ARG C 228 -12.01 -22.17 5.88
CA ARG C 228 -12.00 -20.71 5.96
C ARG C 228 -10.80 -20.15 5.20
N TYR C 229 -9.63 -20.75 5.40
CA TYR C 229 -8.46 -20.33 4.61
C TYR C 229 -8.74 -20.43 3.13
N LEU C 230 -9.28 -21.58 2.68
CA LEU C 230 -9.39 -21.82 1.25
C LEU C 230 -10.40 -20.88 0.59
N GLU C 231 -11.49 -20.54 1.29
CA GLU C 231 -12.47 -19.67 0.66
C GLU C 231 -11.99 -18.22 0.57
N ARG C 232 -10.88 -17.88 1.24
CA ARG C 232 -10.29 -16.55 1.16
C ARG C 232 -9.07 -16.53 0.28
N ILE C 233 -8.88 -17.54 -0.55
CA ILE C 233 -7.93 -17.54 -1.66
C ILE C 233 -8.77 -17.36 -2.92
N SER C 234 -8.49 -16.34 -3.72
CA SER C 234 -9.32 -16.10 -4.90
C SER C 234 -9.34 -17.32 -5.82
N LEU C 235 -8.17 -17.93 -6.04
CA LEU C 235 -8.10 -19.16 -6.84
C LEU C 235 -8.63 -20.39 -6.09
N ARG C 236 -8.96 -20.28 -4.80
CA ARG C 236 -9.58 -21.36 -4.03
C ARG C 236 -8.70 -22.60 -3.97
N ARG C 237 -7.39 -22.42 -3.99
CA ARG C 237 -6.48 -23.54 -3.81
C ARG C 237 -5.21 -23.02 -3.16
N MET C 238 -4.54 -23.89 -2.42
CA MET C 238 -3.30 -23.52 -1.77
C MET C 238 -2.18 -23.35 -2.79
N THR C 239 -1.21 -22.51 -2.42
CA THR C 239 -0.01 -22.33 -3.22
C THR C 239 0.95 -23.50 -3.07
N GLU C 240 1.56 -23.93 -4.19
CA GLU C 240 2.58 -24.98 -4.20
C GLU C 240 3.95 -24.37 -3.96
N PRO C 241 4.82 -25.03 -3.18
CA PRO C 241 6.17 -24.49 -2.98
C PRO C 241 6.94 -24.25 -4.29
N ALA C 242 6.66 -25.03 -5.34
CA ALA C 242 7.35 -24.82 -6.62
C ALA C 242 7.05 -23.46 -7.23
N GLU C 243 5.90 -22.86 -6.90
CA GLU C 243 5.59 -21.52 -7.35
C GLU C 243 6.53 -20.51 -6.73
N ILE C 244 6.82 -20.68 -5.44
CA ILE C 244 7.76 -19.79 -4.78
C ILE C 244 9.14 -19.93 -5.40
N ALA C 245 9.57 -21.17 -5.61
CA ALA C 245 10.85 -21.42 -6.26
C ALA C 245 10.88 -20.83 -7.67
N ALA C 246 9.79 -20.97 -8.42
CA ALA C 246 9.74 -20.42 -9.77
C ALA C 246 9.94 -18.92 -9.75
N THR C 247 9.27 -18.24 -8.81
CA THR C 247 9.38 -16.79 -8.72
C THR C 247 10.81 -16.38 -8.37
N ALA C 248 11.46 -17.14 -7.48
CA ALA C 248 12.84 -16.84 -7.14
C ALA C 248 13.74 -17.00 -8.36
N LEU C 249 13.50 -18.05 -9.15
CA LEU C 249 14.29 -18.26 -10.36
C LEU C 249 14.10 -17.11 -11.35
N PHE C 250 12.83 -16.68 -11.54
CA PHE C 250 12.55 -15.58 -12.46
C PHE C 250 13.30 -14.32 -12.05
N LEU C 251 13.35 -14.02 -10.75
CA LEU C 251 14.09 -12.83 -10.32
C LEU C 251 15.59 -12.94 -10.64
N CYS C 252 16.10 -14.15 -10.88
CA CYS C 252 17.50 -14.38 -11.23
C CYS C 252 17.70 -14.67 -12.70
N SER C 253 16.76 -14.27 -13.55
CA SER C 253 16.83 -14.41 -14.99
C SER C 253 17.09 -13.05 -15.62
N PRO C 254 17.48 -13.00 -16.90
CA PRO C 254 17.58 -11.69 -17.58
C PRO C 254 16.24 -10.97 -17.60
N GLY C 255 15.14 -11.71 -17.79
CA GLY C 255 13.84 -11.07 -17.90
C GLY C 255 13.40 -10.42 -16.59
N GLY C 256 13.76 -11.01 -15.46
CA GLY C 256 13.40 -10.49 -14.16
C GLY C 256 14.51 -9.69 -13.48
N HIS C 257 15.62 -9.44 -14.19
CA HIS C 257 16.81 -8.82 -13.63
C HIS C 257 16.60 -7.37 -13.22
N GLY C 258 15.67 -6.67 -13.84
CA GLY C 258 15.38 -5.29 -13.54
C GLY C 258 14.31 -5.05 -12.50
N ILE C 259 13.87 -6.09 -11.77
CA ILE C 259 12.92 -5.92 -10.67
C ILE C 259 13.71 -5.74 -9.38
N THR C 260 13.43 -4.68 -8.64
CA THR C 260 14.05 -4.52 -7.33
C THR C 260 13.17 -3.61 -6.49
N GLY C 261 13.27 -3.78 -5.17
CA GLY C 261 12.46 -3.02 -4.24
C GLY C 261 11.04 -3.50 -4.07
N GLN C 262 10.69 -4.67 -4.62
CA GLN C 262 9.30 -5.08 -4.68
C GLN C 262 9.02 -6.25 -3.75
N ALA C 263 7.77 -6.32 -3.29
CA ALA C 263 7.22 -7.51 -2.65
C ALA C 263 6.28 -8.17 -3.65
N ILE C 264 6.55 -9.43 -3.98
CA ILE C 264 5.73 -10.16 -4.94
C ILE C 264 4.97 -11.23 -4.19
N SER C 265 3.65 -11.09 -4.16
CA SER C 265 2.79 -12.01 -3.44
C SER C 265 2.41 -13.17 -4.36
N VAL C 266 2.77 -14.39 -3.95
CA VAL C 266 2.53 -15.62 -4.71
C VAL C 266 1.57 -16.43 -3.85
N CYS C 267 0.28 -16.30 -4.13
CA CYS C 267 -0.71 -16.60 -3.09
C CYS C 267 -2.11 -16.94 -3.60
N GLY C 268 -2.31 -16.94 -4.92
CA GLY C 268 -3.66 -17.10 -5.45
C GLY C 268 -4.62 -16.00 -5.04
N ASN C 269 -4.07 -14.84 -4.65
CA ASN C 269 -4.73 -13.72 -3.98
C ASN C 269 -5.37 -14.15 -2.66
N VAL C 270 -4.56 -14.24 -1.60
CA VAL C 270 -5.14 -14.29 -0.27
C VAL C 270 -5.86 -12.97 -0.05
N GLU C 271 -7.18 -13.04 0.11
CA GLU C 271 -8.03 -11.85 0.16
C GLU C 271 -8.02 -11.18 1.53
N VAL C 272 -7.74 -11.95 2.59
CA VAL C 272 -7.76 -11.46 3.97
C VAL C 272 -7.22 -12.57 4.84
N LEU C 273 -6.69 -12.21 6.01
CA LEU C 273 -6.29 -13.18 7.03
C LEU C 273 -7.10 -12.93 8.30
N THR D 10 -22.91 17.19 17.35
CA THR D 10 -22.38 18.55 17.36
C THR D 10 -20.92 18.58 16.92
N ALA D 11 -20.63 19.42 15.93
CA ALA D 11 -19.26 19.52 15.41
C ALA D 11 -18.27 19.89 16.50
N SER D 12 -18.70 20.71 17.46
CA SER D 12 -17.83 21.09 18.57
C SER D 12 -17.38 19.88 19.37
N ASP D 13 -18.33 19.08 19.86
CA ASP D 13 -17.98 17.95 20.70
C ASP D 13 -17.51 16.74 19.90
N LEU D 14 -17.79 16.68 18.60
CA LEU D 14 -17.21 15.64 17.77
C LEU D 14 -15.68 15.65 17.87
N LEU D 15 -15.09 16.83 18.00
CA LEU D 15 -13.65 16.97 17.99
C LEU D 15 -13.07 17.14 19.39
N LYS D 16 -13.87 16.96 20.43
CA LYS D 16 -13.38 17.07 21.80
C LYS D 16 -13.01 15.69 22.32
N PRO D 17 -11.74 15.44 22.67
CA PRO D 17 -11.38 14.16 23.29
C PRO D 17 -12.27 13.88 24.49
N TYR D 18 -12.57 12.60 24.71
CA TYR D 18 -13.39 12.23 25.87
C TYR D 18 -12.74 12.77 27.15
N ASP D 19 -13.55 13.31 28.05
CA ASP D 19 -12.99 13.84 29.27
C ASP D 19 -12.50 12.72 30.17
N GLY D 20 -11.45 13.00 30.94
CA GLY D 20 -11.04 12.11 32.01
C GLY D 20 -10.34 10.83 31.59
N LEU D 21 -9.80 10.79 30.38
CA LEU D 21 -9.10 9.60 29.90
C LEU D 21 -7.86 9.32 30.74
N ARG D 22 -7.65 8.03 31.03
CA ARG D 22 -6.41 7.58 31.65
CA ARG D 22 -6.41 7.57 31.65
C ARG D 22 -5.42 7.19 30.56
N VAL D 23 -4.32 7.92 30.46
CA VAL D 23 -3.40 7.83 29.33
C VAL D 23 -2.01 7.47 29.81
N LEU D 24 -1.37 6.51 29.15
CA LEU D 24 0.05 6.21 29.36
C LEU D 24 0.79 6.49 28.07
N VAL D 25 1.82 7.34 28.12
CA VAL D 25 2.67 7.65 26.96
C VAL D 25 4.09 7.17 27.26
N THR D 26 4.57 6.22 26.47
CA THR D 26 5.94 5.74 26.64
C THR D 26 6.90 6.73 26.01
N GLY D 27 8.06 6.88 26.64
CA GLY D 27 9.00 7.92 26.22
C GLY D 27 8.37 9.29 26.20
N GLY D 28 7.58 9.60 27.22
CA GLY D 28 6.68 10.73 27.19
C GLY D 28 7.14 11.99 27.90
N ALA D 29 8.41 12.08 28.31
CA ALA D 29 8.88 13.26 29.01
C ALA D 29 9.69 14.20 28.11
N SER D 30 9.81 13.89 26.82
CA SER D 30 10.48 14.79 25.89
C SER D 30 9.92 14.59 24.48
N GLY D 31 10.17 15.58 23.64
CA GLY D 31 9.86 15.44 22.22
C GLY D 31 8.38 15.25 21.94
N ILE D 32 8.11 14.43 20.92
CA ILE D 32 6.74 14.18 20.50
C ILE D 32 5.92 13.57 21.64
N GLY D 33 6.53 12.67 22.42
CA GLY D 33 5.79 12.03 23.49
C GLY D 33 5.32 13.02 24.53
N LEU D 34 6.16 14.01 24.86
CA LEU D 34 5.74 15.04 25.78
C LEU D 34 4.64 15.92 25.18
N ALA D 35 4.77 16.26 23.88
CA ALA D 35 3.71 17.01 23.22
C ALA D 35 2.37 16.27 23.33
N ILE D 36 2.40 14.95 23.13
CA ILE D 36 1.18 14.15 23.26
C ILE D 36 0.69 14.16 24.71
N ALA D 37 1.59 13.88 25.65
CA ALA D 37 1.19 13.81 27.05
C ALA D 37 0.59 15.13 27.53
N ASP D 38 1.25 16.25 27.20
CA ASP D 38 0.75 17.56 27.61
C ASP D 38 -0.57 17.90 26.95
N ALA D 39 -0.75 17.49 25.69
CA ALA D 39 -2.00 17.77 25.00
C ALA D 39 -3.16 17.04 25.66
N PHE D 40 -2.97 15.76 25.98
CA PHE D 40 -4.00 15.04 26.71
C PHE D 40 -4.27 15.68 28.06
N ALA D 41 -3.21 16.07 28.77
CA ALA D 41 -3.38 16.70 30.07
C ALA D 41 -4.18 17.99 29.97
N GLU D 42 -4.01 18.75 28.88
CA GLU D 42 -4.80 19.96 28.66
C GLU D 42 -6.28 19.66 28.44
N CYS D 43 -6.61 18.41 28.12
CA CYS D 43 -7.97 18.01 27.79
C CYS D 43 -8.59 17.16 28.91
N GLY D 44 -8.16 17.39 30.14
CA GLY D 44 -8.76 16.73 31.28
C GLY D 44 -8.35 15.29 31.47
N ALA D 45 -7.30 14.83 30.79
CA ALA D 45 -6.84 13.48 30.95
C ALA D 45 -6.00 13.35 32.22
N ARG D 46 -6.00 12.14 32.77
CA ARG D 46 -5.08 11.73 33.82
C ARG D 46 -3.93 11.02 33.11
N VAL D 47 -2.77 11.68 33.07
CA VAL D 47 -1.68 11.26 32.18
C VAL D 47 -0.51 10.73 33.00
N HIS D 48 0.06 9.62 32.57
CA HIS D 48 1.30 9.08 33.10
C HIS D 48 2.24 8.82 31.95
N VAL D 49 3.52 9.10 32.16
CA VAL D 49 4.55 8.83 31.16
C VAL D 49 5.64 7.97 31.79
N CYS D 50 6.35 7.22 30.94
CA CYS D 50 7.64 6.72 31.34
C CYS D 50 8.69 7.32 30.41
N ASP D 51 9.93 7.36 30.89
CA ASP D 51 10.98 7.97 30.10
C ASP D 51 12.32 7.46 30.60
N ALA D 52 13.29 7.40 29.69
CA ALA D 52 14.62 6.92 30.04
C ALA D 52 15.51 8.02 30.64
N SER D 53 15.12 9.28 30.53
CA SER D 53 15.95 10.39 30.96
C SER D 53 15.49 10.93 32.31
N GLN D 54 16.35 10.82 33.32
CA GLN D 54 16.01 11.40 34.62
C GLN D 54 15.86 12.91 34.52
N ALA D 55 16.72 13.58 33.75
CA ALA D 55 16.62 15.03 33.62
C ALA D 55 15.30 15.43 32.99
N ALA D 56 14.87 14.70 31.95
CA ALA D 56 13.60 15.01 31.31
C ALA D 56 12.46 14.85 32.30
N ILE D 57 12.48 13.79 33.11
CA ILE D 57 11.43 13.59 34.10
C ILE D 57 11.46 14.72 35.13
N ALA D 58 12.66 15.11 35.58
CA ALA D 58 12.77 16.17 36.56
C ALA D 58 12.23 17.48 36.02
N ALA D 59 12.40 17.72 34.71
CA ALA D 59 11.94 18.96 34.10
C ALA D 59 10.42 19.06 34.01
N LEU D 60 9.69 17.97 34.23
CA LEU D 60 8.23 18.04 34.11
C LEU D 60 7.60 18.83 35.25
N ALA D 61 8.23 18.82 36.43
CA ALA D 61 7.56 19.27 37.64
C ALA D 61 7.41 20.79 37.69
N ASP D 62 6.26 21.24 38.20
CA ASP D 62 6.00 22.65 38.54
C ASP D 62 6.27 23.59 37.36
N ARG D 63 5.97 23.11 36.15
CA ARG D 63 5.95 23.99 35.00
C ARG D 63 4.72 24.88 35.08
N PRO D 64 4.86 26.21 35.09
CA PRO D 64 3.74 27.08 35.46
C PRO D 64 2.42 26.82 34.74
N SER D 65 2.43 26.59 33.44
CA SER D 65 1.20 26.50 32.66
C SER D 65 0.80 25.06 32.37
N ARG D 66 1.18 24.11 33.22
CA ARG D 66 1.11 22.70 32.86
C ARG D 66 0.49 21.88 33.97
N ALA D 67 -0.60 21.19 33.66
CA ALA D 67 -1.19 20.22 34.57
C ALA D 67 -0.20 19.13 34.92
N ALA D 68 -0.35 18.59 36.13
CA ALA D 68 0.57 17.57 36.61
C ALA D 68 0.47 16.30 35.76
N ILE D 69 1.61 15.68 35.54
CA ILE D 69 1.73 14.43 34.81
C ILE D 69 2.58 13.50 35.66
N GLY D 70 2.12 12.25 35.79
CA GLY D 70 2.90 11.27 36.52
C GLY D 70 4.02 10.71 35.66
N ALA D 71 5.09 10.24 36.32
CA ALA D 71 6.24 9.81 35.55
C ALA D 71 6.94 8.66 36.26
N THR D 72 7.44 7.73 35.45
CA THR D 72 8.27 6.64 35.90
C THR D 72 9.53 6.61 35.06
N LEU D 73 10.68 6.52 35.72
CA LEU D 73 11.94 6.30 35.01
C LEU D 73 11.99 4.85 34.54
N ALA D 74 12.06 4.65 33.23
CA ALA D 74 12.11 3.29 32.69
C ALA D 74 12.71 3.30 31.30
N ASP D 75 13.67 2.41 31.06
CA ASP D 75 14.05 2.05 29.70
C ASP D 75 13.08 0.97 29.22
N VAL D 76 12.46 1.19 28.05
CA VAL D 76 11.34 0.35 27.63
C VAL D 76 11.78 -1.08 27.30
N SER D 77 13.06 -1.33 27.08
CA SER D 77 13.54 -2.69 26.86
C SER D 77 13.93 -3.40 28.15
N ASP D 78 13.53 -2.85 29.30
CA ASP D 78 13.91 -3.33 30.63
C ASP D 78 12.62 -3.84 31.28
N ARG D 79 12.46 -5.17 31.34
CA ARG D 79 11.17 -5.72 31.75
C ARG D 79 10.81 -5.35 33.18
N ALA D 80 11.77 -5.41 34.10
CA ALA D 80 11.50 -4.99 35.47
C ALA D 80 11.02 -3.54 35.52
N ALA D 81 11.61 -2.68 34.69
CA ALA D 81 11.21 -1.28 34.64
C ALA D 81 9.81 -1.14 34.06
N VAL D 82 9.50 -1.89 33.00
CA VAL D 82 8.16 -1.86 32.40
C VAL D 82 7.11 -2.24 33.44
N GLU D 83 7.38 -3.26 34.24
CA GLU D 83 6.42 -3.65 35.28
C GLU D 83 6.25 -2.56 36.31
N ARG D 84 7.33 -1.81 36.63
CA ARG D 84 7.19 -0.67 37.53
C ARG D 84 6.30 0.42 36.93
N VAL D 85 6.39 0.63 35.61
CA VAL D 85 5.53 1.61 34.97
C VAL D 85 4.06 1.25 35.18
N PHE D 86 3.70 0.00 34.90
CA PHE D 86 2.31 -0.40 35.08
C PHE D 86 1.90 -0.39 36.55
N ALA D 87 2.82 -0.74 37.47
CA ALA D 87 2.50 -0.63 38.88
C ALA D 87 2.21 0.82 39.27
N ASP D 88 3.04 1.75 38.78
CA ASP D 88 2.82 3.17 39.06
C ASP D 88 1.50 3.65 38.46
N VAL D 89 1.15 3.18 37.26
CA VAL D 89 -0.13 3.52 36.63
C VAL D 89 -1.29 2.98 37.47
N ALA D 90 -1.19 1.71 37.90
CA ALA D 90 -2.29 1.10 38.65
C ALA D 90 -2.53 1.81 39.96
N ALA D 91 -1.45 2.25 40.61
CA ALA D 91 -1.54 2.89 41.92
C ALA D 91 -2.13 4.29 41.85
N THR D 92 -2.13 4.93 40.67
CA THR D 92 -2.59 6.31 40.54
C THR D 92 -3.76 6.42 39.58
N LEU D 93 -3.58 6.04 38.32
CA LEU D 93 -4.66 6.12 37.34
C LEU D 93 -5.75 5.09 37.62
N GLY D 94 -5.37 3.90 38.11
CA GLY D 94 -6.38 2.93 38.49
C GLY D 94 -7.11 2.31 37.32
N GLY D 95 -6.48 2.28 36.16
CA GLY D 95 -7.12 1.85 34.94
C GLY D 95 -6.35 2.43 33.77
N LEU D 96 -6.82 2.09 32.57
CA LEU D 96 -6.17 2.63 31.39
C LEU D 96 -7.16 2.70 30.23
N ASP D 97 -7.28 3.88 29.63
CA ASP D 97 -8.08 4.09 28.43
C ASP D 97 -7.26 4.20 27.15
N VAL D 98 -6.03 4.72 27.23
CA VAL D 98 -5.19 4.98 26.06
C VAL D 98 -3.77 4.55 26.36
N LEU D 99 -3.19 3.73 25.50
CA LEU D 99 -1.75 3.47 25.49
C LEU D 99 -1.15 4.16 24.27
N VAL D 100 -0.22 5.07 24.50
CA VAL D 100 0.52 5.71 23.42
C VAL D 100 1.90 5.04 23.39
N ASN D 101 2.08 4.16 22.40
CA ASN D 101 3.33 3.42 22.23
C ASN D 101 4.27 4.32 21.42
N ASN D 102 4.87 5.29 22.12
CA ASN D 102 5.62 6.35 21.46
C ASN D 102 7.13 6.18 21.49
N ALA D 103 7.66 5.50 22.52
CA ALA D 103 9.10 5.38 22.68
C ALA D 103 9.76 4.76 21.45
N GLY D 104 10.92 5.30 21.08
CA GLY D 104 11.69 4.74 19.99
C GLY D 104 13.00 5.47 19.85
N ILE D 105 13.93 4.83 19.16
CA ILE D 105 15.22 5.44 18.88
C ILE D 105 15.44 5.46 17.39
N ALA D 106 16.35 6.35 16.97
CA ALA D 106 16.68 6.44 15.56
C ALA D 106 17.45 5.21 15.09
N GLY D 107 18.24 4.61 15.97
CA GLY D 107 19.12 3.54 15.58
C GLY D 107 20.30 4.07 14.83
N PRO D 108 21.17 3.18 14.35
CA PRO D 108 22.39 3.62 13.66
C PRO D 108 22.11 4.11 12.25
N THR D 109 23.00 5.00 11.79
CA THR D 109 23.07 5.41 10.40
C THR D 109 24.28 4.73 9.75
N GLY D 110 24.04 4.01 8.66
CA GLY D 110 25.12 3.38 7.93
C GLY D 110 24.62 2.32 6.98
N GLY D 111 25.53 1.88 6.10
CA GLY D 111 25.23 0.74 5.27
C GLY D 111 24.97 -0.49 6.11
N ILE D 112 24.18 -1.43 5.57
CA ILE D 112 23.81 -2.59 6.37
C ILE D 112 25.04 -3.40 6.75
N ASP D 113 26.08 -3.38 5.90
CA ASP D 113 27.32 -4.09 6.18
C ASP D 113 28.24 -3.31 7.11
N GLU D 114 27.90 -2.07 7.45
CA GLU D 114 28.68 -1.22 8.34
C GLU D 114 28.16 -1.18 9.75
N ILE D 115 26.86 -1.37 9.96
CA ILE D 115 26.26 -1.02 11.24
C ILE D 115 26.53 -2.12 12.26
N ASP D 116 26.66 -1.68 13.51
CA ASP D 116 27.03 -2.59 14.60
C ASP D 116 25.85 -3.49 14.95
N PRO D 117 26.04 -4.82 15.01
CA PRO D 117 24.89 -5.72 15.30
C PRO D 117 24.16 -5.40 16.59
N ALA D 118 24.87 -5.02 17.65
CA ALA D 118 24.19 -4.70 18.90
C ALA D 118 23.30 -3.47 18.74
N GLN D 119 23.69 -2.53 17.87
CA GLN D 119 22.85 -1.36 17.62
C GLN D 119 21.63 -1.75 16.79
N TRP D 120 21.78 -2.67 15.83
CA TRP D 120 20.59 -3.22 15.17
C TRP D 120 19.64 -3.83 16.17
N GLU D 121 20.14 -4.74 17.03
CA GLU D 121 19.26 -5.46 17.93
C GLU D 121 18.59 -4.52 18.93
N GLN D 122 19.33 -3.50 19.39
CA GLN D 122 18.77 -2.54 20.32
C GLN D 122 17.66 -1.72 19.68
N THR D 123 17.81 -1.39 18.39
CA THR D 123 16.76 -0.69 17.67
C THR D 123 15.50 -1.54 17.60
N VAL D 124 15.68 -2.84 17.33
CA VAL D 124 14.53 -3.75 17.28
C VAL D 124 13.91 -3.91 18.68
N ALA D 125 14.74 -4.01 19.72
CA ALA D 125 14.20 -4.22 21.05
C ALA D 125 13.36 -3.03 21.50
N ILE D 126 13.81 -1.82 21.22
CA ILE D 126 13.09 -0.64 21.69
C ILE D 126 11.93 -0.30 20.78
N ASN D 127 12.16 -0.30 19.47
CA ASN D 127 11.14 0.18 18.54
C ASN D 127 10.05 -0.84 18.28
N LEU D 128 10.34 -2.13 18.40
CA LEU D 128 9.36 -3.17 18.12
C LEU D 128 9.04 -4.00 19.35
N ASN D 129 10.03 -4.60 20.01
CA ASN D 129 9.68 -5.53 21.07
C ASN D 129 8.99 -4.83 22.22
N ALA D 130 9.38 -3.57 22.50
CA ALA D 130 8.74 -2.84 23.58
C ALA D 130 7.30 -2.49 23.26
N GLN D 131 6.95 -2.36 21.98
CA GLN D 131 5.54 -2.18 21.62
C GLN D 131 4.71 -3.36 22.12
N PHE D 132 5.23 -4.57 21.94
CA PHE D 132 4.59 -5.78 22.43
C PHE D 132 4.54 -5.82 23.95
N GLU D 133 5.66 -5.49 24.61
CA GLU D 133 5.71 -5.56 26.06
C GLU D 133 4.67 -4.65 26.69
N PHE D 134 4.49 -3.44 26.13
CA PHE D 134 3.47 -2.56 26.69
C PHE D 134 2.08 -2.96 26.27
N ALA D 135 1.90 -3.38 25.01
CA ALA D 135 0.56 -3.78 24.57
C ALA D 135 0.05 -4.99 25.33
N ARG D 136 0.90 -6.00 25.57
CA ARG D 136 0.43 -7.20 26.25
CA ARG D 136 0.40 -7.20 26.24
C ARG D 136 -0.06 -6.89 27.66
N ARG D 137 0.54 -5.91 28.32
CA ARG D 137 0.11 -5.55 29.67
C ARG D 137 -1.06 -4.56 29.67
N ALA D 138 -1.18 -3.75 28.63
CA ALA D 138 -2.24 -2.75 28.58
C ALA D 138 -3.57 -3.35 28.14
N VAL D 139 -3.55 -4.38 27.28
CA VAL D 139 -4.80 -4.91 26.74
C VAL D 139 -5.82 -5.30 27.82
N PRO D 140 -5.45 -6.02 28.89
CA PRO D 140 -6.45 -6.34 29.93
C PRO D 140 -7.05 -5.13 30.60
N LEU D 141 -6.34 -4.01 30.59
CA LEU D 141 -6.87 -2.77 31.14
C LEU D 141 -7.78 -2.09 30.13
N LEU D 142 -7.29 -1.94 28.91
CA LEU D 142 -8.01 -1.23 27.84
C LEU D 142 -9.34 -1.87 27.50
N ARG D 143 -9.45 -3.19 27.61
CA ARG D 143 -10.73 -3.83 27.29
C ARG D 143 -11.82 -3.47 28.29
N GLU D 144 -11.48 -2.83 29.41
CA GLU D 144 -12.45 -2.42 30.41
C GLU D 144 -12.81 -0.94 30.30
N SER D 145 -12.29 -0.23 29.30
CA SER D 145 -12.50 1.21 29.17
C SER D 145 -13.92 1.51 28.71
N LYS D 146 -14.55 2.49 29.37
CA LYS D 146 -15.92 2.89 29.02
C LYS D 146 -16.01 3.40 27.59
N HIS D 147 -14.92 3.93 27.04
CA HIS D 147 -14.95 4.53 25.72
C HIS D 147 -14.49 3.58 24.62
N GLY D 148 -13.95 2.41 25.00
N GLY D 148 -14.14 2.35 24.95
CA GLY D 148 -13.48 1.39 24.06
CA GLY D 148 -13.40 1.61 23.97
C GLY D 148 -12.09 0.80 24.27
C GLY D 148 -11.99 2.18 24.01
N GLY D 149 -11.20 1.57 24.87
CA GLY D 149 -9.76 1.45 24.78
C GLY D 149 -9.11 1.84 23.45
N ALA D 150 -7.88 2.34 23.54
CA ALA D 150 -7.17 2.76 22.36
C ALA D 150 -5.69 2.49 22.54
N ILE D 151 -5.05 2.03 21.47
CA ILE D 151 -3.61 1.96 21.34
C ILE D 151 -3.20 2.88 20.20
N ILE D 152 -2.31 3.82 20.46
CA ILE D 152 -1.79 4.67 19.41
C ILE D 152 -0.29 4.39 19.32
N ALA D 153 0.14 3.82 18.20
CA ALA D 153 1.54 3.47 18.03
C ALA D 153 2.22 4.51 17.16
N LEU D 154 3.46 4.83 17.50
CA LEU D 154 4.24 5.81 16.74
C LEU D 154 5.11 5.04 15.75
N SER D 155 4.72 5.07 14.49
CA SER D 155 5.55 4.60 13.39
C SER D 155 6.34 5.80 12.87
N SER D 156 6.53 5.90 11.55
CA SER D 156 7.27 6.97 10.92
C SER D 156 6.90 6.96 9.44
N VAL D 157 7.29 8.01 8.72
CA VAL D 157 7.22 7.91 7.26
C VAL D 157 8.15 6.81 6.79
N ALA D 158 9.16 6.45 7.60
CA ALA D 158 10.00 5.31 7.25
C ALA D 158 9.28 3.97 7.45
N GLY D 159 8.05 3.98 7.91
CA GLY D 159 7.21 2.79 7.95
C GLY D 159 6.34 2.61 6.73
N ARG D 160 6.40 3.56 5.78
CA ARG D 160 5.67 3.44 4.52
C ARG D 160 6.56 3.68 3.30
N LEU D 161 7.84 3.95 3.51
CA LEU D 161 8.84 4.15 2.47
C LEU D 161 10.09 3.37 2.84
N GLY D 162 10.93 3.09 1.83
CA GLY D 162 12.26 2.59 2.11
C GLY D 162 13.20 3.70 2.56
N TYR D 163 14.18 3.34 3.38
CA TYR D 163 15.09 4.33 3.99
C TYR D 163 16.51 3.76 3.95
N ALA D 164 17.25 4.08 2.88
CA ALA D 164 18.64 3.64 2.80
C ALA D 164 19.45 4.18 3.96
N TYR D 165 20.40 3.37 4.43
CA TYR D 165 21.32 3.65 5.52
C TYR D 165 20.62 3.74 6.86
N ARG D 166 19.35 3.32 6.92
CA ARG D 166 18.56 3.33 8.14
C ARG D 166 17.74 2.05 8.22
N THR D 167 18.33 0.94 7.79
CA THR D 167 17.55 -0.29 7.68
C THR D 167 16.93 -0.78 8.99
N PRO D 168 17.60 -0.77 10.15
CA PRO D 168 16.90 -1.22 11.36
C PRO D 168 15.73 -0.31 11.71
N TYR D 169 15.90 1.00 11.56
CA TYR D 169 14.81 1.94 11.81
C TYR D 169 13.62 1.65 10.90
N ALA D 170 13.87 1.55 9.59
CA ALA D 170 12.78 1.29 8.65
C ALA D 170 12.10 -0.04 8.94
N ALA D 171 12.90 -1.10 9.12
CA ALA D 171 12.32 -2.41 9.46
C ALA D 171 11.36 -2.30 10.64
N THR D 172 11.77 -1.62 11.71
CA THR D 172 10.88 -1.57 12.88
C THR D 172 9.66 -0.71 12.62
N LYS D 173 9.78 0.35 11.81
CA LYS D 173 8.61 1.19 11.61
C LYS D 173 7.60 0.53 10.69
N TRP D 174 8.07 -0.29 9.75
CA TRP D 174 7.16 -1.16 8.98
C TRP D 174 6.56 -2.23 9.87
N ALA D 175 7.35 -2.79 10.79
CA ALA D 175 6.81 -3.80 11.69
C ALA D 175 5.67 -3.24 12.53
N VAL D 176 5.81 -1.99 13.00
CA VAL D 176 4.75 -1.37 13.80
C VAL D 176 3.46 -1.29 13.01
N VAL D 177 3.54 -0.98 11.71
CA VAL D 177 2.33 -0.94 10.89
C VAL D 177 1.65 -2.30 10.86
N GLY D 178 2.42 -3.37 10.60
CA GLY D 178 1.82 -4.70 10.60
C GLY D 178 1.29 -5.10 11.97
N LEU D 179 1.96 -4.68 13.03
CA LEU D 179 1.48 -4.98 14.37
C LEU D 179 0.16 -4.27 14.63
N VAL D 180 0.05 -3.02 14.20
CA VAL D 180 -1.20 -2.26 14.33
C VAL D 180 -2.32 -2.94 13.55
N LYS D 181 -2.05 -3.33 12.30
CA LYS D 181 -3.14 -3.89 11.51
C LYS D 181 -3.58 -5.23 12.06
N SER D 182 -2.64 -6.00 12.62
CA SER D 182 -3.02 -7.27 13.25
C SER D 182 -3.81 -7.04 14.53
N LEU D 183 -3.33 -6.13 15.40
CA LEU D 183 -4.05 -5.86 16.65
C LEU D 183 -5.42 -5.24 16.41
N ALA D 184 -5.55 -4.43 15.37
CA ALA D 184 -6.86 -3.87 15.07
C ALA D 184 -7.88 -4.96 14.80
N ILE D 185 -7.51 -5.97 14.03
CA ILE D 185 -8.40 -7.11 13.81
C ILE D 185 -8.63 -7.87 15.11
N GLU D 186 -7.53 -8.14 15.84
CA GLU D 186 -7.61 -8.99 17.03
C GLU D 186 -8.46 -8.36 18.13
N LEU D 187 -8.26 -7.07 18.38
CA LEU D 187 -8.86 -6.38 19.52
C LEU D 187 -10.12 -5.61 19.17
N GLY D 188 -10.40 -5.45 17.88
CA GLY D 188 -11.57 -4.72 17.42
C GLY D 188 -12.87 -5.17 18.07
N PRO D 189 -13.14 -6.47 18.10
CA PRO D 189 -14.37 -6.95 18.74
C PRO D 189 -14.39 -6.72 20.24
N LEU D 190 -13.24 -6.48 20.86
CA LEU D 190 -13.24 -6.05 22.26
C LEU D 190 -13.51 -4.56 22.41
N GLY D 191 -13.47 -3.79 21.32
CA GLY D 191 -13.70 -2.36 21.38
C GLY D 191 -12.44 -1.53 21.37
N ILE D 192 -11.28 -2.15 21.31
CA ILE D 192 -10.01 -1.42 21.37
C ILE D 192 -9.62 -0.99 19.97
N ARG D 193 -9.53 0.33 19.77
CA ARG D 193 -9.00 0.89 18.54
C ARG D 193 -7.49 0.84 18.55
N VAL D 194 -6.88 0.54 17.39
CA VAL D 194 -5.44 0.46 17.26
C VAL D 194 -5.03 1.13 15.96
N ASN D 195 -4.23 2.20 16.07
CA ASN D 195 -3.74 2.93 14.90
C ASN D 195 -2.28 3.27 15.07
N ALA D 196 -1.60 3.53 13.94
CA ALA D 196 -0.27 4.10 13.94
C ALA D 196 -0.33 5.54 13.46
N ILE D 197 0.44 6.41 14.08
CA ILE D 197 0.72 7.72 13.52
C ILE D 197 2.12 7.66 12.92
N GLN D 198 2.28 8.22 11.73
CA GLN D 198 3.55 8.19 11.02
C GLN D 198 4.05 9.63 10.88
N PRO D 199 4.85 10.13 11.83
CA PRO D 199 5.34 11.49 11.71
C PRO D 199 6.32 11.61 10.56
N GLY D 200 6.35 12.78 9.95
CA GLY D 200 7.32 13.07 8.90
C GLY D 200 8.65 13.56 9.44
N ILE D 201 9.11 14.68 8.89
CA ILE D 201 10.36 15.32 9.31
C ILE D 201 9.96 16.31 10.39
N VAL D 202 10.21 15.97 11.64
CA VAL D 202 9.60 16.66 12.78
C VAL D 202 10.63 17.60 13.39
N ARG D 203 10.29 18.88 13.44
CA ARG D 203 11.21 19.89 13.96
C ARG D 203 11.57 19.57 15.41
N GLY D 204 12.86 19.67 15.72
CA GLY D 204 13.32 19.45 17.07
C GLY D 204 14.73 18.88 17.11
N PRO D 205 15.26 18.71 18.33
CA PRO D 205 16.64 18.23 18.45
C PRO D 205 16.89 16.88 17.79
N ARG D 206 15.93 15.95 17.87
CA ARG D 206 16.18 14.61 17.35
C ARG D 206 16.45 14.63 15.85
N ILE D 207 15.65 15.37 15.08
CA ILE D 207 15.85 15.36 13.64
C ILE D 207 17.17 16.05 13.28
N ARG D 208 17.63 16.99 14.10
CA ARG D 208 18.91 17.65 13.80
CA ARG D 208 18.91 17.64 13.81
C ARG D 208 20.06 16.67 13.96
N ARG D 209 19.98 15.77 14.95
CA ARG D 209 20.94 14.67 15.07
C ARG D 209 20.88 13.74 13.87
N VAL D 210 19.65 13.45 13.39
CA VAL D 210 19.48 12.59 12.22
C VAL D 210 20.12 13.24 10.99
N ILE D 211 19.80 14.51 10.74
CA ILE D 211 20.35 15.20 9.57
C ILE D 211 21.86 15.25 9.64
N GLU D 212 22.41 15.57 10.82
CA GLU D 212 23.86 15.63 10.99
CA GLU D 212 23.85 15.64 10.94
C GLU D 212 24.49 14.28 10.70
N ALA D 213 23.89 13.21 11.23
CA ALA D 213 24.45 11.87 11.00
C ALA D 213 24.35 11.48 9.53
N ARG D 214 23.24 11.83 8.86
CA ARG D 214 23.10 11.46 7.46
C ARG D 214 24.02 12.29 6.59
N ALA D 215 24.21 13.57 6.94
CA ALA D 215 25.18 14.38 6.22
C ALA D 215 26.57 13.76 6.29
N GLN D 216 26.96 13.30 7.48
CA GLN D 216 28.26 12.63 7.61
C GLN D 216 28.30 11.36 6.77
N GLN D 217 27.21 10.60 6.76
CA GLN D 217 27.17 9.38 5.96
C GLN D 217 27.38 9.68 4.48
N LEU D 218 26.83 10.80 3.99
CA LEU D 218 26.88 11.14 2.58
C LEU D 218 28.06 12.03 2.22
N GLY D 219 28.81 12.53 3.19
CA GLY D 219 29.94 13.39 2.88
C GLY D 219 29.56 14.78 2.44
N ILE D 220 28.40 15.28 2.89
CA ILE D 220 27.92 16.61 2.54
C ILE D 220 27.67 17.39 3.82
N GLY D 221 27.48 18.69 3.67
CA GLY D 221 27.23 19.54 4.83
C GLY D 221 25.82 19.41 5.37
N TYR D 222 25.64 19.89 6.60
CA TYR D 222 24.33 19.84 7.25
C TYR D 222 23.30 20.65 6.46
N ASP D 223 23.67 21.86 6.03
CA ASP D 223 22.72 22.70 5.33
C ASP D 223 22.21 22.04 4.06
N GLU D 224 23.10 21.37 3.31
CA GLU D 224 22.65 20.68 2.11
C GLU D 224 21.78 19.49 2.43
N MET D 225 22.14 18.73 3.47
CA MET D 225 21.32 17.57 3.86
C MET D 225 19.92 18.00 4.25
N GLU D 226 19.82 19.06 5.07
CA GLU D 226 18.51 19.56 5.47
C GLU D 226 17.69 20.01 4.27
N GLN D 227 18.32 20.70 3.32
CA GLN D 227 17.59 21.14 2.13
C GLN D 227 17.04 19.95 1.34
N ARG D 228 17.79 18.86 1.28
CA ARG D 228 17.29 17.68 0.56
C ARG D 228 16.03 17.14 1.23
N TYR D 229 15.99 17.16 2.57
CA TYR D 229 14.78 16.76 3.29
C TYR D 229 13.62 17.71 2.98
N LEU D 230 13.87 19.02 2.98
CA LEU D 230 12.76 19.96 2.85
C LEU D 230 12.14 19.91 1.46
N GLU D 231 12.95 19.79 0.42
CA GLU D 231 12.40 19.76 -0.94
C GLU D 231 11.64 18.47 -1.22
N ARG D 232 11.79 17.45 -0.38
CA ARG D 232 11.03 16.22 -0.51
C ARG D 232 9.80 16.21 0.38
N ILE D 233 9.35 17.36 0.85
CA ILE D 233 8.08 17.49 1.58
C ILE D 233 7.17 18.30 0.67
N SER D 234 6.00 17.77 0.32
CA SER D 234 5.15 18.52 -0.60
C SER D 234 4.84 19.91 -0.07
N LEU D 235 4.62 20.03 1.24
CA LEU D 235 4.35 21.35 1.81
C LEU D 235 5.60 22.17 2.04
N ARG D 236 6.79 21.60 1.82
CA ARG D 236 8.07 22.30 1.94
C ARG D 236 8.30 22.85 3.35
N ARG D 237 7.79 22.15 4.35
CA ARG D 237 7.79 22.61 5.73
C ARG D 237 7.88 21.40 6.65
N MET D 238 8.74 21.47 7.67
CA MET D 238 8.82 20.38 8.63
C MET D 238 7.53 20.28 9.44
N THR D 239 7.28 19.08 9.93
CA THR D 239 6.12 18.82 10.77
C THR D 239 6.39 19.29 12.20
N GLU D 240 5.37 19.86 12.83
CA GLU D 240 5.46 20.27 14.23
C GLU D 240 4.98 19.14 15.15
N PRO D 241 5.65 18.92 16.28
CA PRO D 241 5.16 17.92 17.24
C PRO D 241 3.70 18.14 17.62
N ALA D 242 3.22 19.39 17.66
CA ALA D 242 1.82 19.62 18.02
C ALA D 242 0.85 19.00 17.03
N GLU D 243 1.29 18.78 15.78
CA GLU D 243 0.44 18.12 14.80
C GLU D 243 0.27 16.65 15.14
N ILE D 244 1.32 16.03 15.69
CA ILE D 244 1.22 14.63 16.10
C ILE D 244 0.30 14.53 17.31
N ALA D 245 0.47 15.43 18.28
CA ALA D 245 -0.40 15.47 19.45
C ALA D 245 -1.85 15.65 19.03
N ALA D 246 -2.11 16.60 18.12
CA ALA D 246 -3.50 16.84 17.71
C ALA D 246 -4.10 15.60 17.08
N THR D 247 -3.32 14.87 16.28
CA THR D 247 -3.85 13.68 15.64
C THR D 247 -4.19 12.61 16.67
N ALA D 248 -3.32 12.45 17.68
CA ALA D 248 -3.60 11.51 18.75
C ALA D 248 -4.87 11.90 19.49
N LEU D 249 -5.04 13.20 19.76
CA LEU D 249 -6.27 13.66 20.40
C LEU D 249 -7.49 13.34 19.53
N PHE D 250 -7.37 13.57 18.22
CA PHE D 250 -8.50 13.34 17.34
C PHE D 250 -8.93 11.87 17.37
N LEU D 251 -7.96 10.95 17.40
CA LEU D 251 -8.29 9.53 17.48
C LEU D 251 -9.03 9.19 18.78
N CYS D 252 -8.91 10.04 19.81
CA CYS D 252 -9.56 9.82 21.09
C CYS D 252 -10.73 10.78 21.31
N SER D 253 -11.32 11.25 20.23
CA SER D 253 -12.52 12.07 20.22
C SER D 253 -13.66 11.27 19.60
N PRO D 254 -14.93 11.63 19.89
CA PRO D 254 -16.04 10.89 19.27
C PRO D 254 -15.96 10.87 17.76
N GLY D 255 -15.48 11.95 17.14
CA GLY D 255 -15.43 12.01 15.70
C GLY D 255 -14.41 11.07 15.10
N GLY D 256 -13.32 10.81 15.82
CA GLY D 256 -12.27 9.95 15.33
C GLY D 256 -12.23 8.57 15.94
N HIS D 257 -13.17 8.26 16.84
CA HIS D 257 -13.03 6.99 17.56
C HIS D 257 -13.56 5.80 16.78
N GLY D 258 -14.03 5.99 15.55
CA GLY D 258 -14.34 4.90 14.66
C GLY D 258 -13.24 4.53 13.70
N ILE D 259 -12.06 5.12 13.88
CA ILE D 259 -10.90 4.82 13.04
C ILE D 259 -10.06 3.77 13.74
N THR D 260 -9.73 2.69 13.02
CA THR D 260 -8.84 1.68 13.58
C THR D 260 -8.23 0.90 12.44
N GLY D 261 -7.08 0.31 12.72
CA GLY D 261 -6.36 -0.44 11.70
C GLY D 261 -5.56 0.41 10.73
N GLN D 262 -5.46 1.72 10.96
CA GLN D 262 -4.92 2.65 9.99
C GLN D 262 -3.56 3.17 10.43
N ALA D 263 -2.74 3.53 9.42
CA ALA D 263 -1.53 4.31 9.63
C ALA D 263 -1.80 5.69 9.05
N ILE D 264 -1.72 6.73 9.88
CA ILE D 264 -2.02 8.09 9.47
C ILE D 264 -0.70 8.84 9.40
N SER D 265 -0.31 9.22 8.19
CA SER D 265 0.96 9.89 7.96
C SER D 265 0.75 11.39 8.15
N VAL D 266 1.51 11.98 9.06
CA VAL D 266 1.38 13.38 9.40
C VAL D 266 2.74 13.99 9.09
N CYS D 267 2.89 14.48 7.85
CA CYS D 267 4.21 14.63 7.26
C CYS D 267 4.32 15.70 6.20
N GLY D 268 3.25 16.38 5.83
CA GLY D 268 3.33 17.33 4.74
C GLY D 268 3.53 16.67 3.40
N ASN D 269 3.27 15.37 3.34
CA ASN D 269 3.59 14.45 2.25
C ASN D 269 5.09 14.38 2.02
N VAL D 270 5.79 13.63 2.88
CA VAL D 270 7.15 13.22 2.54
C VAL D 270 7.08 12.36 1.28
N GLU D 271 7.69 12.83 0.21
CA GLU D 271 7.53 12.21 -1.10
C GLU D 271 8.42 11.00 -1.29
N VAL D 272 9.58 11.00 -0.61
CA VAL D 272 10.56 9.93 -0.73
C VAL D 272 11.56 10.15 0.39
N LEU D 273 12.18 9.08 0.88
CA LEU D 273 13.30 9.20 1.81
C LEU D 273 14.58 8.81 1.09
C1 EDO E . -19.09 -7.54 0.96
O1 EDO E . -18.33 -8.44 0.14
C2 EDO E . -19.51 -8.28 2.23
O2 EDO E . -18.35 -8.63 2.99
C1 EDO F . -18.36 38.57 -3.47
O1 EDO F . -18.80 38.43 -4.83
C2 EDO F . -19.46 38.07 -2.54
O2 EDO F . -19.01 38.11 -1.19
C1 EDO G . -13.22 34.71 4.59
O1 EDO G . -14.61 34.51 4.83
C2 EDO G . -13.01 35.90 3.64
O2 EDO G . -13.78 35.74 2.45
C1 EDO H . -31.91 17.82 9.12
O1 EDO H . -31.00 18.62 9.90
C2 EDO H . -31.25 17.48 7.79
O2 EDO H . -31.88 16.34 7.21
C1 EDO I . -31.10 -15.24 4.13
O1 EDO I . -29.91 -15.42 3.34
C2 EDO I . -30.84 -14.32 5.32
O2 EDO I . -31.27 -12.97 5.02
N NO3 J . -19.64 0.43 0.01
O1 NO3 J . -20.12 -0.28 -0.91
O2 NO3 J . -18.76 -0.07 0.78
O3 NO3 J . -20.02 1.63 0.19
C1 EDO K . 6.64 8.08 -17.32
C1 EDO K . 6.94 7.91 -17.03
O1 EDO K . 5.53 8.90 -17.71
O1 EDO K . 5.87 8.76 -17.46
C2 EDO K . 6.14 6.66 -17.09
C2 EDO K . 6.34 6.59 -16.55
O2 EDO K . 6.63 6.19 -15.83
O2 EDO K . 5.46 6.09 -17.57
C1 EDO L . 9.86 12.94 -12.72
O1 EDO L . 9.48 13.80 -11.62
C2 EDO L . 11.38 12.83 -12.74
O2 EDO L . 11.85 12.25 -11.51
C1 EDO M . 21.99 -12.95 -9.22
O1 EDO M . 22.96 -11.93 -9.42
C2 EDO M . 21.25 -13.30 -10.50
O2 EDO M . 20.75 -12.11 -11.13
C1 EDO N . 36.23 -22.45 -4.68
O1 EDO N . 36.74 -21.67 -3.60
C2 EDO N . 36.05 -21.58 -5.91
O2 EDO N . 35.44 -22.35 -6.96
C1 EDO O . -7.49 -17.21 8.85
O1 EDO O . -8.07 -16.04 9.45
C2 EDO O . -8.56 -17.98 8.09
O2 EDO O . -9.04 -17.17 6.99
#